data_1V6K
#
_entry.id   1V6K
#
_cell.length_a   128.03
_cell.length_b   124.03
_cell.length_c   75.71
_cell.angle_alpha   90.00
_cell.angle_beta   90.00
_cell.angle_gamma   90.00
#
_symmetry.space_group_name_H-M   'P 21 21 2'
#
loop_
_entity.id
_entity.type
_entity.pdbx_description
1 polymer 'Galactose-binding lectin'
2 branched beta-D-galactopyranose-(1-4)-alpha-D-glucopyranose
3 non-polymer 'CALCIUM ION'
4 non-polymer 'MANGANESE (II) ION'
5 water water
#
_entity_poly.entity_id   1
_entity_poly.type   'polypeptide(L)'
_entity_poly.pdbx_seq_one_letter_code
;AETVSFNFNSFSEGNPAINFQGDVTVLSNGNIQLTNLNKVNSVGRVLYAMPVRIWSSATGNVASFLTSFSFEMKDIKDYD
PADGIIFFIAPEDTQIPAGSIGGGTLGVSDTKGAGHFVGVEFDTYSNSEYNDPPTDHVGIDVNSVDSVKTVPWNSVSGAV
VKVTVIYDSSTKTLSVAVTNDNGDITTIAQVVDLKAKLPERVKFGFSASGSLGGRQIHLIRSWSFTSTLITT
;
_entity_poly.pdbx_strand_id   A,B,C,D
#
loop_
_chem_comp.id
_chem_comp.type
_chem_comp.name
_chem_comp.formula
CA non-polymer 'CALCIUM ION' 'Ca 2'
GAL D-saccharide, beta linking beta-D-galactopyranose 'C6 H12 O6'
GLC D-saccharide, alpha linking alpha-D-glucopyranose 'C6 H12 O6'
MN non-polymer 'MANGANESE (II) ION' 'Mn 2'
#
# COMPACT_ATOMS: atom_id res chain seq x y z
N ALA A 1 11.42 -10.57 1.53
CA ALA A 1 11.11 -10.66 0.08
C ALA A 1 11.53 -9.39 -0.66
N GLU A 2 11.58 -9.48 -1.97
CA GLU A 2 11.94 -8.35 -2.82
C GLU A 2 10.70 -7.93 -3.62
N THR A 3 10.13 -6.81 -3.23
CA THR A 3 8.92 -6.32 -3.88
C THR A 3 9.04 -4.97 -4.59
N VAL A 4 8.52 -4.93 -5.81
CA VAL A 4 8.52 -3.71 -6.59
C VAL A 4 7.05 -3.41 -6.75
N SER A 5 6.64 -2.21 -6.37
CA SER A 5 5.24 -1.86 -6.47
C SER A 5 5.05 -0.41 -6.86
N PHE A 6 4.17 -0.17 -7.82
CA PHE A 6 3.89 1.18 -8.25
C PHE A 6 2.43 1.28 -8.70
N ASN A 7 1.87 2.47 -8.56
CA ASN A 7 0.49 2.68 -8.93
C ASN A 7 0.29 4.00 -9.68
N PHE A 8 -0.18 3.91 -10.91
CA PHE A 8 -0.42 5.08 -11.75
C PHE A 8 -1.90 5.27 -12.04
N ASN A 9 -2.51 6.30 -11.47
CA ASN A 9 -3.92 6.59 -11.72
C ASN A 9 -4.00 7.58 -12.85
N SER A 10 -2.86 8.19 -13.16
CA SER A 10 -2.75 9.16 -14.22
C SER A 10 -1.27 9.33 -14.48
N PHE A 11 -0.91 9.84 -15.65
CA PHE A 11 0.49 10.01 -15.96
C PHE A 11 0.76 11.48 -16.21
N SER A 12 2.03 11.84 -16.20
CA SER A 12 2.45 13.21 -16.43
C SER A 12 3.83 13.16 -17.02
N GLU A 13 4.06 13.91 -18.09
CA GLU A 13 5.38 13.90 -18.69
C GLU A 13 6.35 14.47 -17.66
N GLY A 14 7.60 14.02 -17.71
CA GLY A 14 8.59 14.52 -16.78
C GLY A 14 8.83 13.57 -15.62
N ASN A 15 7.91 12.64 -15.42
CA ASN A 15 8.03 11.66 -14.34
C ASN A 15 9.15 10.68 -14.70
N PRO A 16 10.24 10.70 -13.93
CA PRO A 16 11.39 9.82 -14.16
C PRO A 16 11.09 8.33 -14.06
N ALA A 17 9.95 7.97 -13.48
CA ALA A 17 9.59 6.57 -13.34
C ALA A 17 9.01 5.97 -14.63
N ILE A 18 8.78 6.83 -15.63
CA ILE A 18 8.22 6.38 -16.89
C ILE A 18 9.05 6.75 -18.12
N ASN A 19 9.34 5.75 -18.95
CA ASN A 19 10.11 5.93 -20.17
C ASN A 19 9.14 5.96 -21.34
N PHE A 20 9.34 6.88 -22.26
CA PHE A 20 8.48 6.97 -23.44
C PHE A 20 9.31 6.65 -24.66
N GLN A 21 8.74 5.85 -25.55
CA GLN A 21 9.43 5.51 -26.78
C GLN A 21 8.47 5.73 -27.93
N GLY A 22 8.95 6.34 -28.99
CA GLY A 22 8.11 6.57 -30.13
C GLY A 22 7.07 7.67 -30.03
N ASP A 23 5.95 7.46 -30.70
CA ASP A 23 4.87 8.43 -30.75
C ASP A 23 3.97 8.51 -29.53
N VAL A 24 4.54 8.43 -28.34
CA VAL A 24 3.73 8.51 -27.14
C VAL A 24 3.47 9.96 -26.78
N THR A 25 2.28 10.23 -26.25
CA THR A 25 1.93 11.59 -25.85
C THR A 25 1.04 11.55 -24.61
N VAL A 26 1.23 12.51 -23.70
CA VAL A 26 0.43 12.57 -22.50
C VAL A 26 -0.66 13.61 -22.66
N LEU A 27 -1.91 13.19 -22.50
CA LEU A 27 -3.05 14.09 -22.63
C LEU A 27 -3.23 14.86 -21.32
N SER A 28 -3.98 15.95 -21.37
CA SER A 28 -4.20 16.76 -20.18
C SER A 28 -5.02 16.05 -19.11
N ASN A 29 -5.80 15.05 -19.51
CA ASN A 29 -6.60 14.30 -18.54
C ASN A 29 -5.74 13.28 -17.80
N GLY A 30 -4.46 13.22 -18.14
CA GLY A 30 -3.56 12.28 -17.48
C GLY A 30 -3.42 10.96 -18.20
N ASN A 31 -4.20 10.78 -19.27
CA ASN A 31 -4.15 9.54 -20.03
C ASN A 31 -2.98 9.59 -20.99
N ILE A 32 -2.50 8.40 -21.36
CA ILE A 32 -1.41 8.31 -22.30
C ILE A 32 -1.98 7.82 -23.62
N GLN A 33 -1.60 8.50 -24.70
CA GLN A 33 -2.05 8.11 -26.04
C GLN A 33 -0.80 7.49 -26.67
N LEU A 34 -0.87 6.21 -27.01
CA LEU A 34 0.28 5.52 -27.56
C LEU A 34 0.71 5.81 -28.99
N THR A 35 -0.24 6.03 -29.90
CA THR A 35 0.14 6.31 -31.28
C THR A 35 -0.28 7.70 -31.74
N ASN A 36 0.36 8.16 -32.81
CA ASN A 36 0.08 9.45 -33.39
C ASN A 36 -0.89 9.21 -34.55
N LEU A 37 -2.08 9.81 -34.49
CA LEU A 37 -3.08 9.62 -35.55
C LEU A 37 -2.73 10.17 -36.93
N ASN A 38 -1.70 11.01 -37.00
CA ASN A 38 -1.28 11.62 -38.27
C ASN A 38 -0.05 10.96 -38.90
N LYS A 39 0.51 9.97 -38.24
CA LYS A 39 1.70 9.30 -38.77
C LYS A 39 1.44 7.91 -39.32
N VAL A 40 2.12 7.60 -40.43
CA VAL A 40 2.02 6.30 -41.06
C VAL A 40 2.86 5.37 -40.18
N ASN A 41 2.38 4.14 -39.98
CA ASN A 41 3.12 3.14 -39.19
C ASN A 41 3.58 3.66 -37.83
N SER A 42 2.68 4.33 -37.13
CA SER A 42 2.98 4.87 -35.81
C SER A 42 3.20 3.79 -34.73
N VAL A 43 4.20 4.00 -33.88
CA VAL A 43 4.49 3.08 -32.78
C VAL A 43 4.75 3.90 -31.54
N GLY A 44 4.07 3.53 -30.45
CA GLY A 44 4.23 4.23 -29.21
C GLY A 44 4.35 3.21 -28.11
N ARG A 45 5.29 3.40 -27.21
CA ARG A 45 5.49 2.49 -26.11
C ARG A 45 5.80 3.27 -24.85
N VAL A 46 5.34 2.76 -23.72
CA VAL A 46 5.58 3.38 -22.45
C VAL A 46 6.07 2.23 -21.57
N LEU A 47 7.09 2.50 -20.77
CA LEU A 47 7.67 1.48 -19.92
C LEU A 47 7.93 1.99 -18.52
N TYR A 48 7.88 1.10 -17.53
CA TYR A 48 8.22 1.48 -16.18
C TYR A 48 9.74 1.65 -16.33
N ALA A 49 10.24 2.85 -16.05
CA ALA A 49 11.66 3.16 -16.21
C ALA A 49 12.64 2.24 -15.49
N MET A 50 12.24 1.75 -14.32
CA MET A 50 13.12 0.88 -13.55
C MET A 50 13.10 -0.58 -13.98
N PRO A 51 14.28 -1.19 -14.18
CA PRO A 51 14.24 -2.59 -14.58
C PRO A 51 13.85 -3.42 -13.36
N VAL A 52 13.06 -4.46 -13.57
CA VAL A 52 12.63 -5.31 -12.48
C VAL A 52 13.33 -6.67 -12.61
N ARG A 53 13.75 -7.22 -11.49
CA ARG A 53 14.42 -8.50 -11.48
C ARG A 53 13.38 -9.59 -11.27
N ILE A 54 12.91 -10.21 -12.35
CA ILE A 54 11.89 -11.24 -12.25
C ILE A 54 12.37 -12.60 -11.78
N TRP A 55 13.67 -12.85 -11.87
CA TRP A 55 14.22 -14.11 -11.39
C TRP A 55 15.68 -13.93 -10.94
N SER A 56 16.11 -14.78 -10.01
CA SER A 56 17.45 -14.72 -9.47
C SER A 56 18.30 -15.89 -9.90
N SER A 57 19.45 -15.59 -10.52
CA SER A 57 20.36 -16.63 -10.97
C SER A 57 20.99 -17.32 -9.76
N ALA A 58 20.99 -16.63 -8.61
CA ALA A 58 21.56 -17.20 -7.39
C ALA A 58 20.65 -18.24 -6.75
N THR A 59 19.35 -17.94 -6.65
CA THR A 59 18.39 -18.87 -6.04
C THR A 59 17.57 -19.64 -7.08
N GLY A 60 17.54 -19.14 -8.30
CA GLY A 60 16.78 -19.80 -9.34
C GLY A 60 15.28 -19.56 -9.18
N ASN A 61 14.93 -18.66 -8.27
CA ASN A 61 13.53 -18.32 -8.02
C ASN A 61 13.01 -17.32 -9.04
N VAL A 62 11.73 -17.45 -9.35
CA VAL A 62 11.09 -16.53 -10.27
C VAL A 62 10.09 -15.74 -9.45
N ALA A 63 9.88 -14.48 -9.80
CA ALA A 63 8.95 -13.65 -9.07
C ALA A 63 7.53 -13.88 -9.52
N SER A 64 6.58 -13.64 -8.62
CA SER A 64 5.17 -13.75 -8.95
C SER A 64 4.79 -12.29 -9.11
N PHE A 65 3.82 -11.98 -9.94
CA PHE A 65 3.41 -10.60 -10.03
C PHE A 65 1.92 -10.47 -10.28
N LEU A 66 1.37 -9.35 -9.84
CA LEU A 66 -0.04 -9.03 -9.99
C LEU A 66 -0.10 -7.62 -10.53
N THR A 67 -0.78 -7.44 -11.66
CA THR A 67 -0.89 -6.12 -12.23
C THR A 67 -2.25 -5.95 -12.86
N SER A 68 -2.80 -4.76 -12.74
CA SER A 68 -4.08 -4.49 -13.37
C SER A 68 -3.96 -3.14 -14.03
N PHE A 69 -4.63 -2.97 -15.16
CA PHE A 69 -4.55 -1.72 -15.87
C PHE A 69 -5.82 -1.58 -16.69
N SER A 70 -6.10 -0.36 -17.10
CA SER A 70 -7.28 -0.12 -17.90
C SER A 70 -6.87 0.70 -19.12
N PHE A 71 -7.50 0.41 -20.25
CA PHE A 71 -7.17 1.12 -21.47
C PHE A 71 -8.42 1.40 -22.26
N GLU A 72 -8.27 2.19 -23.32
CA GLU A 72 -9.38 2.51 -24.18
C GLU A 72 -8.93 2.64 -25.62
N MET A 73 -9.71 2.05 -26.52
CA MET A 73 -9.44 2.14 -27.93
C MET A 73 -10.68 2.77 -28.54
N LYS A 74 -10.48 3.83 -29.31
CA LYS A 74 -11.59 4.50 -29.93
C LYS A 74 -11.33 4.69 -31.42
N ASP A 75 -12.33 4.38 -32.24
CA ASP A 75 -12.21 4.52 -33.69
C ASP A 75 -12.15 5.98 -34.09
N ILE A 76 -11.41 6.28 -35.14
CA ILE A 76 -11.37 7.64 -35.64
C ILE A 76 -11.94 7.53 -37.04
N LYS A 77 -12.51 8.61 -37.53
CA LYS A 77 -13.14 8.61 -38.84
C LYS A 77 -11.99 8.16 -39.74
N ASP A 78 -12.51 7.58 -40.82
CA ASP A 78 -11.87 7.04 -41.98
C ASP A 78 -10.84 5.92 -41.86
N TYR A 79 -10.11 5.82 -40.75
CA TYR A 79 -9.12 4.73 -40.64
C TYR A 79 -9.67 3.42 -40.05
N ASP A 80 -9.06 2.32 -40.47
CA ASP A 80 -9.43 0.99 -39.98
C ASP A 80 -9.01 0.96 -38.52
N PRO A 81 -9.94 0.62 -37.61
CA PRO A 81 -9.55 0.57 -36.20
C PRO A 81 -8.55 -0.57 -36.00
N ALA A 82 -7.28 -0.21 -35.92
CA ALA A 82 -6.19 -1.17 -35.76
C ALA A 82 -5.02 -0.49 -35.04
N ASP A 83 -4.03 -1.24 -34.57
CA ASP A 83 -3.92 -2.70 -34.68
C ASP A 83 -4.12 -3.37 -33.32
N GLY A 84 -4.08 -2.52 -32.32
CA GLY A 84 -4.21 -2.85 -30.92
C GLY A 84 -3.13 -2.42 -29.93
N ILE A 85 -3.28 -2.96 -28.73
CA ILE A 85 -2.37 -2.70 -27.63
C ILE A 85 -1.76 -4.00 -27.09
N ILE A 86 -0.51 -3.96 -26.61
CA ILE A 86 0.11 -5.15 -26.05
C ILE A 86 0.81 -4.78 -24.74
N PHE A 87 0.61 -5.62 -23.72
CA PHE A 87 1.25 -5.42 -22.43
C PHE A 87 2.42 -6.37 -22.51
N PHE A 88 3.64 -5.86 -22.49
CA PHE A 88 4.77 -6.75 -22.63
C PHE A 88 5.87 -6.65 -21.58
N ILE A 89 6.70 -7.69 -21.59
CA ILE A 89 7.84 -7.81 -20.69
C ILE A 89 9.00 -8.08 -21.63
N ALA A 90 10.02 -7.25 -21.56
CA ALA A 90 11.17 -7.42 -22.46
C ALA A 90 12.48 -7.09 -21.74
N PRO A 91 13.61 -7.41 -22.39
CA PRO A 91 14.94 -7.13 -21.80
C PRO A 91 14.98 -5.66 -21.41
N GLU A 92 15.75 -5.32 -20.40
CA GLU A 92 15.80 -3.94 -19.94
C GLU A 92 16.29 -2.92 -20.99
N ASP A 93 16.94 -3.42 -22.04
CA ASP A 93 17.46 -2.55 -23.09
C ASP A 93 16.53 -2.49 -24.29
N THR A 94 15.28 -2.91 -24.07
CA THR A 94 14.26 -2.95 -25.12
C THR A 94 14.01 -1.61 -25.81
N GLN A 95 13.98 -1.67 -27.13
CA GLN A 95 13.75 -0.49 -27.96
C GLN A 95 12.74 -0.85 -29.05
N ILE A 96 12.16 0.15 -29.68
CA ILE A 96 11.23 -0.11 -30.76
C ILE A 96 12.09 -0.72 -31.87
N PRO A 97 11.72 -1.90 -32.38
CA PRO A 97 12.49 -2.54 -33.45
C PRO A 97 12.90 -1.57 -34.56
N ALA A 98 14.16 -1.63 -34.95
CA ALA A 98 14.68 -0.75 -36.00
C ALA A 98 13.86 -0.93 -37.27
N GLY A 99 13.47 0.19 -37.87
CA GLY A 99 12.68 0.13 -39.10
C GLY A 99 11.34 -0.55 -38.93
N SER A 100 10.78 -0.48 -37.73
CA SER A 100 9.49 -1.08 -37.44
C SER A 100 8.42 -0.59 -38.42
N ILE A 101 7.62 -1.51 -38.93
CA ILE A 101 6.54 -1.16 -39.85
C ILE A 101 5.23 -0.97 -39.09
N GLY A 102 5.31 -1.01 -37.77
CA GLY A 102 4.12 -0.84 -36.96
C GLY A 102 3.08 -1.89 -37.29
N GLY A 103 1.86 -1.45 -37.55
CA GLY A 103 0.79 -2.37 -37.90
C GLY A 103 0.69 -3.56 -36.97
N GLY A 104 0.56 -4.75 -37.57
CA GLY A 104 0.43 -5.98 -36.80
C GLY A 104 1.62 -6.39 -35.95
N THR A 105 2.74 -5.66 -36.05
CA THR A 105 3.90 -6.01 -35.23
C THR A 105 3.67 -5.49 -33.82
N LEU A 106 2.67 -4.63 -33.67
CA LEU A 106 2.31 -4.03 -32.39
C LEU A 106 3.47 -3.26 -31.75
N GLY A 107 4.48 -2.96 -32.55
CA GLY A 107 5.63 -2.21 -32.06
C GLY A 107 6.60 -2.99 -31.21
N VAL A 108 6.44 -4.31 -31.16
CA VAL A 108 7.34 -5.13 -30.35
C VAL A 108 8.10 -6.19 -31.13
N SER A 109 7.79 -6.34 -32.40
CA SER A 109 8.46 -7.36 -33.19
C SER A 109 8.93 -6.85 -34.54
N ASP A 110 9.68 -7.69 -35.25
CA ASP A 110 10.15 -7.30 -36.58
C ASP A 110 9.08 -7.69 -37.59
N THR A 111 9.39 -7.48 -38.88
CA THR A 111 8.47 -7.78 -39.96
C THR A 111 7.88 -9.18 -39.91
N LYS A 112 8.70 -10.16 -39.54
CA LYS A 112 8.26 -11.54 -39.46
C LYS A 112 7.43 -11.78 -38.18
N GLY A 113 7.28 -10.74 -37.36
CA GLY A 113 6.51 -10.86 -36.13
C GLY A 113 7.28 -11.51 -35.00
N ALA A 114 8.61 -11.47 -35.10
CA ALA A 114 9.48 -12.05 -34.10
C ALA A 114 10.16 -10.96 -33.28
N GLY A 115 10.51 -11.30 -32.05
CA GLY A 115 11.18 -10.36 -31.16
C GLY A 115 11.49 -10.99 -29.81
N HIS A 116 12.07 -10.21 -28.90
CA HIS A 116 12.38 -10.73 -27.57
C HIS A 116 11.41 -10.11 -26.56
N PHE A 117 10.36 -10.85 -26.21
CA PHE A 117 9.37 -10.35 -25.27
C PHE A 117 8.28 -11.35 -24.94
N VAL A 118 7.59 -11.10 -23.84
CA VAL A 118 6.45 -11.91 -23.43
C VAL A 118 5.38 -10.86 -23.23
N GLY A 119 4.19 -11.10 -23.77
CA GLY A 119 3.15 -10.11 -23.63
C GLY A 119 1.72 -10.59 -23.80
N VAL A 120 0.79 -9.71 -23.45
CA VAL A 120 -0.62 -10.01 -23.59
C VAL A 120 -1.14 -8.95 -24.54
N GLU A 121 -1.59 -9.39 -25.70
CA GLU A 121 -2.10 -8.47 -26.70
C GLU A 121 -3.61 -8.36 -26.75
N PHE A 122 -4.06 -7.18 -27.18
CA PHE A 122 -5.46 -6.85 -27.33
C PHE A 122 -5.47 -6.40 -28.77
N ASP A 123 -5.53 -7.40 -29.63
CA ASP A 123 -5.48 -7.28 -31.06
C ASP A 123 -6.81 -6.99 -31.72
N THR A 124 -6.86 -5.90 -32.50
CA THR A 124 -8.10 -5.50 -33.15
C THR A 124 -8.11 -5.61 -34.68
N TYR A 125 -7.07 -6.21 -35.25
CA TYR A 125 -7.02 -6.39 -36.69
C TYR A 125 -6.42 -7.76 -37.00
N SER A 126 -7.02 -8.47 -37.94
CA SER A 126 -6.54 -9.80 -38.26
C SER A 126 -5.42 -9.84 -39.29
N ASN A 127 -4.19 -10.00 -38.82
CA ASN A 127 -3.03 -10.08 -39.70
C ASN A 127 -2.80 -11.54 -40.02
N SER A 128 -3.15 -11.94 -41.24
CA SER A 128 -2.98 -13.32 -41.67
C SER A 128 -1.51 -13.72 -41.73
N GLU A 129 -0.62 -12.74 -41.91
CA GLU A 129 0.80 -13.04 -41.98
C GLU A 129 1.34 -13.48 -40.62
N TYR A 130 0.54 -13.33 -39.56
CA TYR A 130 0.95 -13.73 -38.22
C TYR A 130 -0.07 -14.71 -37.63
N ASN A 131 -0.81 -15.35 -38.51
CA ASN A 131 -1.81 -16.34 -38.13
C ASN A 131 -2.85 -15.85 -37.10
N ASP A 132 -3.31 -14.61 -37.23
CA ASP A 132 -4.31 -14.09 -36.31
C ASP A 132 -5.66 -14.75 -36.49
N PRO A 133 -6.42 -14.90 -35.40
CA PRO A 133 -7.73 -15.51 -35.55
C PRO A 133 -8.47 -14.51 -36.44
N PRO A 134 -9.68 -14.84 -36.90
CA PRO A 134 -10.39 -13.90 -37.77
C PRO A 134 -11.10 -12.75 -37.04
N THR A 135 -11.16 -12.80 -35.72
CA THR A 135 -11.83 -11.75 -34.98
C THR A 135 -10.89 -11.08 -34.00
N ASP A 136 -11.36 -9.98 -33.41
CA ASP A 136 -10.56 -9.28 -32.41
C ASP A 136 -10.24 -10.37 -31.39
N HIS A 137 -9.14 -10.22 -30.67
CA HIS A 137 -8.78 -11.25 -29.72
C HIS A 137 -7.74 -10.85 -28.69
N VAL A 138 -7.61 -11.66 -27.66
CA VAL A 138 -6.63 -11.45 -26.62
C VAL A 138 -5.66 -12.63 -26.84
N GLY A 139 -4.37 -12.38 -26.75
CA GLY A 139 -3.44 -13.46 -26.96
C GLY A 139 -2.20 -13.37 -26.10
N ILE A 140 -1.62 -14.53 -25.81
CA ILE A 140 -0.40 -14.60 -25.02
C ILE A 140 0.70 -14.72 -26.06
N ASP A 141 1.66 -13.80 -26.03
CA ASP A 141 2.76 -13.82 -26.99
C ASP A 141 4.08 -14.14 -26.35
N VAL A 142 4.87 -14.98 -27.02
CA VAL A 142 6.18 -15.35 -26.52
C VAL A 142 7.16 -15.20 -27.68
N ASN A 143 7.89 -14.10 -27.66
CA ASN A 143 8.88 -13.80 -28.69
C ASN A 143 8.29 -13.71 -30.09
N SER A 144 6.96 -13.65 -30.18
CA SER A 144 6.31 -13.56 -31.47
C SER A 144 4.88 -13.02 -31.39
N VAL A 145 4.46 -12.30 -32.42
CA VAL A 145 3.10 -11.77 -32.45
C VAL A 145 2.17 -12.85 -32.99
N ASP A 146 2.76 -13.99 -33.31
CA ASP A 146 2.02 -15.17 -33.75
C ASP A 146 1.74 -15.85 -32.41
N SER A 147 0.63 -15.48 -31.79
CA SER A 147 0.24 -15.99 -30.48
C SER A 147 0.32 -17.49 -30.22
N VAL A 148 0.79 -17.81 -29.02
CA VAL A 148 0.90 -19.19 -28.56
C VAL A 148 -0.52 -19.65 -28.28
N LYS A 149 -1.38 -18.69 -27.97
CA LYS A 149 -2.77 -18.97 -27.65
C LYS A 149 -3.58 -17.68 -27.73
N THR A 150 -4.79 -17.79 -28.25
CA THR A 150 -5.67 -16.62 -28.33
C THR A 150 -7.06 -17.02 -27.87
N VAL A 151 -7.87 -16.02 -27.57
CA VAL A 151 -9.25 -16.25 -27.16
C VAL A 151 -10.07 -15.15 -27.84
N PRO A 152 -11.23 -15.52 -28.41
CA PRO A 152 -12.05 -14.52 -29.09
C PRO A 152 -12.38 -13.39 -28.13
N TRP A 153 -12.33 -12.17 -28.64
CA TRP A 153 -12.61 -11.00 -27.83
C TRP A 153 -13.27 -9.94 -28.71
N ASN A 154 -13.79 -8.89 -28.08
CA ASN A 154 -14.42 -7.84 -28.86
C ASN A 154 -13.99 -6.46 -28.37
N SER A 155 -13.42 -5.68 -29.27
CA SER A 155 -12.97 -4.33 -28.93
C SER A 155 -14.05 -3.31 -29.21
N VAL A 156 -14.64 -2.77 -28.15
CA VAL A 156 -15.70 -1.78 -28.28
C VAL A 156 -15.12 -0.38 -28.24
N SER A 157 -15.33 0.37 -29.32
CA SER A 157 -14.82 1.72 -29.44
C SER A 157 -15.33 2.63 -28.33
N GLY A 158 -14.40 3.28 -27.64
CA GLY A 158 -14.76 4.18 -26.55
C GLY A 158 -15.03 3.51 -25.23
N ALA A 159 -14.96 2.19 -25.21
CA ALA A 159 -15.20 1.45 -23.97
C ALA A 159 -13.94 1.36 -23.13
N VAL A 160 -14.10 1.53 -21.82
CA VAL A 160 -12.97 1.44 -20.90
C VAL A 160 -12.85 -0.03 -20.52
N VAL A 161 -11.68 -0.61 -20.77
CA VAL A 161 -11.45 -2.03 -20.46
C VAL A 161 -10.51 -2.18 -19.28
N LYS A 162 -10.87 -3.08 -18.38
CA LYS A 162 -10.08 -3.36 -17.19
C LYS A 162 -9.46 -4.73 -17.34
N VAL A 163 -8.17 -4.82 -17.07
CA VAL A 163 -7.46 -6.09 -17.19
C VAL A 163 -6.72 -6.40 -15.88
N THR A 164 -6.71 -7.67 -15.51
CA THR A 164 -6.00 -8.10 -14.31
C THR A 164 -5.16 -9.30 -14.72
N VAL A 165 -3.88 -9.25 -14.36
CA VAL A 165 -2.98 -10.32 -14.72
C VAL A 165 -2.26 -10.87 -13.49
N ILE A 166 -2.25 -12.19 -13.36
CA ILE A 166 -1.55 -12.83 -12.26
C ILE A 166 -0.52 -13.79 -12.81
N TYR A 167 0.73 -13.62 -12.38
CA TYR A 167 1.75 -14.56 -12.80
C TYR A 167 2.18 -15.29 -11.54
N ASP A 168 1.88 -16.58 -11.49
CA ASP A 168 2.27 -17.40 -10.34
C ASP A 168 3.59 -18.08 -10.68
N SER A 169 4.66 -17.67 -9.99
CA SER A 169 5.99 -18.23 -10.25
C SER A 169 6.06 -19.74 -10.05
N SER A 170 5.42 -20.24 -9.00
CA SER A 170 5.44 -21.68 -8.72
C SER A 170 5.01 -22.50 -9.93
N THR A 171 3.83 -22.21 -10.49
CA THR A 171 3.33 -22.93 -11.67
C THR A 171 3.74 -22.31 -13.01
N LYS A 172 4.30 -21.11 -12.98
CA LYS A 172 4.70 -20.42 -14.20
C LYS A 172 3.48 -20.13 -15.06
N THR A 173 2.35 -19.97 -14.39
CA THR A 173 1.08 -19.69 -15.06
C THR A 173 0.77 -18.21 -15.12
N LEU A 174 0.51 -17.75 -16.33
CA LEU A 174 0.17 -16.37 -16.58
C LEU A 174 -1.32 -16.37 -16.89
N SER A 175 -2.11 -15.77 -16.02
CA SER A 175 -3.54 -15.71 -16.25
C SER A 175 -4.03 -14.27 -16.41
N VAL A 176 -4.90 -14.07 -17.39
CA VAL A 176 -5.45 -12.76 -17.72
C VAL A 176 -6.97 -12.73 -17.59
N ALA A 177 -7.47 -11.71 -16.90
CA ALA A 177 -8.91 -11.54 -16.73
C ALA A 177 -9.22 -10.19 -17.34
N VAL A 178 -10.01 -10.20 -18.40
CA VAL A 178 -10.39 -8.99 -19.09
C VAL A 178 -11.85 -8.70 -18.79
N THR A 179 -12.13 -7.50 -18.30
CA THR A 179 -13.50 -7.12 -17.99
C THR A 179 -13.97 -6.12 -19.02
N ASN A 180 -14.94 -6.52 -19.84
CA ASN A 180 -15.48 -5.64 -20.88
C ASN A 180 -16.48 -4.64 -20.28
N ASP A 181 -16.81 -3.63 -21.08
CA ASP A 181 -17.75 -2.59 -20.66
C ASP A 181 -19.12 -3.15 -20.27
N ASN A 182 -19.56 -4.19 -20.98
CA ASN A 182 -20.86 -4.80 -20.70
C ASN A 182 -20.87 -5.75 -19.50
N GLY A 183 -19.83 -5.70 -18.68
CA GLY A 183 -19.76 -6.56 -17.49
C GLY A 183 -19.19 -7.96 -17.69
N ASP A 184 -19.22 -8.45 -18.93
CA ASP A 184 -18.70 -9.78 -19.27
C ASP A 184 -17.19 -9.87 -19.12
N ILE A 185 -16.68 -11.00 -18.63
CA ILE A 185 -15.24 -11.15 -18.51
C ILE A 185 -14.71 -12.20 -19.47
N THR A 186 -13.49 -11.97 -19.93
CA THR A 186 -12.84 -12.88 -20.83
C THR A 186 -11.56 -13.31 -20.15
N THR A 187 -11.28 -14.60 -20.12
CA THR A 187 -10.04 -15.05 -19.50
C THR A 187 -9.19 -15.86 -20.45
N ILE A 188 -7.90 -15.87 -20.16
CA ILE A 188 -6.95 -16.62 -20.96
C ILE A 188 -5.79 -16.88 -20.04
N ALA A 189 -5.28 -18.10 -20.07
CA ALA A 189 -4.17 -18.47 -19.21
C ALA A 189 -3.20 -19.30 -20.02
N GLN A 190 -1.92 -19.22 -19.67
CA GLN A 190 -0.89 -19.96 -20.38
C GLN A 190 0.33 -20.15 -19.50
N VAL A 191 0.92 -21.34 -19.54
CA VAL A 191 2.13 -21.58 -18.76
C VAL A 191 3.28 -21.02 -19.57
N VAL A 192 4.04 -20.10 -18.96
CA VAL A 192 5.17 -19.48 -19.63
C VAL A 192 6.31 -19.37 -18.61
N ASP A 193 7.44 -20.00 -18.91
CA ASP A 193 8.58 -19.96 -18.02
C ASP A 193 9.37 -18.68 -18.27
N LEU A 194 9.08 -17.63 -17.51
CA LEU A 194 9.76 -16.37 -17.69
C LEU A 194 11.29 -16.48 -17.56
N LYS A 195 11.74 -17.39 -16.70
CA LYS A 195 13.15 -17.60 -16.47
C LYS A 195 13.87 -18.15 -17.69
N ALA A 196 13.14 -18.91 -18.51
CA ALA A 196 13.72 -19.49 -19.70
C ALA A 196 13.62 -18.57 -20.92
N LYS A 197 12.62 -17.69 -20.92
CA LYS A 197 12.41 -16.80 -22.05
C LYS A 197 12.98 -15.39 -21.88
N LEU A 198 13.12 -14.94 -20.64
CA LEU A 198 13.62 -13.59 -20.40
C LEU A 198 14.83 -13.55 -19.46
N PRO A 199 15.62 -12.47 -19.58
CA PRO A 199 16.80 -12.35 -18.71
C PRO A 199 16.32 -11.95 -17.32
N GLU A 200 17.23 -11.97 -16.35
CA GLU A 200 16.90 -11.62 -14.97
C GLU A 200 16.24 -10.26 -14.83
N ARG A 201 16.79 -9.27 -15.51
CA ARG A 201 16.28 -7.91 -15.45
C ARG A 201 15.44 -7.61 -16.68
N VAL A 202 14.19 -7.19 -16.46
CA VAL A 202 13.28 -6.87 -17.55
C VAL A 202 12.54 -5.58 -17.27
N LYS A 203 11.82 -5.10 -18.28
CA LYS A 203 11.02 -3.91 -18.13
C LYS A 203 9.61 -4.27 -18.57
N PHE A 204 8.62 -3.68 -17.91
CA PHE A 204 7.21 -3.91 -18.24
C PHE A 204 6.65 -2.65 -18.90
N GLY A 205 5.73 -2.83 -19.85
CA GLY A 205 5.16 -1.67 -20.51
C GLY A 205 4.06 -1.99 -21.50
N PHE A 206 3.61 -0.96 -22.21
CA PHE A 206 2.56 -1.11 -23.20
C PHE A 206 3.05 -0.57 -24.53
N SER A 207 2.61 -1.22 -25.60
CA SER A 207 2.98 -0.79 -26.92
C SER A 207 1.73 -0.84 -27.78
N ALA A 208 1.62 0.10 -28.70
CA ALA A 208 0.50 0.18 -29.63
C ALA A 208 1.08 0.64 -30.96
N SER A 209 0.38 0.39 -32.05
CA SER A 209 0.88 0.78 -33.35
C SER A 209 -0.23 0.79 -34.38
N GLY A 210 0.07 1.38 -35.53
CA GLY A 210 -0.89 1.45 -36.61
C GLY A 210 -0.15 1.37 -37.93
N SER A 211 -0.89 1.44 -39.02
CA SER A 211 -0.30 1.38 -40.34
C SER A 211 -0.74 2.63 -41.08
N LEU A 212 -0.65 2.62 -42.41
CA LEU A 212 -1.06 3.79 -43.19
C LEU A 212 -2.59 3.90 -43.13
N GLY A 213 -3.26 2.77 -43.36
CA GLY A 213 -4.71 2.75 -43.33
C GLY A 213 -5.27 2.36 -41.97
N GLY A 214 -4.46 1.68 -41.16
CA GLY A 214 -4.91 1.27 -39.83
C GLY A 214 -4.49 2.26 -38.76
N ARG A 215 -5.47 2.91 -38.14
CA ARG A 215 -5.20 3.89 -37.09
C ARG A 215 -6.39 3.98 -36.17
N GLN A 216 -6.12 4.28 -34.90
CA GLN A 216 -7.16 4.43 -33.89
C GLN A 216 -6.52 4.96 -32.61
N ILE A 217 -7.35 5.48 -31.73
CA ILE A 217 -6.86 6.01 -30.47
C ILE A 217 -6.55 4.85 -29.52
N HIS A 218 -5.33 4.87 -28.98
CA HIS A 218 -4.89 3.85 -28.03
C HIS A 218 -4.58 4.60 -26.72
N LEU A 219 -5.38 4.35 -25.70
CA LEU A 219 -5.18 5.01 -24.41
C LEU A 219 -4.92 4.08 -23.23
N ILE A 220 -3.93 4.46 -22.44
CA ILE A 220 -3.63 3.74 -21.22
C ILE A 220 -4.15 4.72 -20.17
N ARG A 221 -5.12 4.30 -19.37
CA ARG A 221 -5.70 5.18 -18.37
C ARG A 221 -5.10 5.02 -16.99
N SER A 222 -4.73 3.79 -16.63
CA SER A 222 -4.14 3.55 -15.33
C SER A 222 -3.38 2.24 -15.34
N TRP A 223 -2.54 2.04 -14.34
CA TRP A 223 -1.72 0.85 -14.25
C TRP A 223 -1.14 0.70 -12.84
N SER A 224 -1.45 -0.43 -12.20
CA SER A 224 -0.92 -0.72 -10.88
C SER A 224 -0.13 -2.01 -11.02
N PHE A 225 0.92 -2.17 -10.24
CA PHE A 225 1.75 -3.34 -10.39
C PHE A 225 2.47 -3.72 -9.12
N THR A 226 2.56 -5.02 -8.90
CA THR A 226 3.26 -5.54 -7.75
C THR A 226 3.90 -6.88 -8.09
N SER A 227 5.20 -6.98 -7.88
CA SER A 227 5.89 -8.22 -8.12
C SER A 227 6.65 -8.53 -6.84
N THR A 228 6.64 -9.79 -6.45
CA THR A 228 7.35 -10.20 -5.26
C THR A 228 8.24 -11.38 -5.60
N LEU A 229 9.52 -11.25 -5.26
CA LEU A 229 10.49 -12.29 -5.51
C LEU A 229 11.03 -12.79 -4.18
N ILE A 230 11.04 -14.11 -4.01
CA ILE A 230 11.56 -14.71 -2.78
C ILE A 230 13.08 -14.69 -2.86
N THR A 231 13.70 -14.05 -1.88
CA THR A 231 15.16 -13.94 -1.84
C THR A 231 15.80 -14.88 -0.83
N THR A 232 15.13 -15.98 -0.54
CA THR A 232 15.67 -16.93 0.41
C THR A 232 14.96 -18.29 0.29
N ALA B 1 -2.04 12.79 -8.82
CA ALA B 1 -0.76 13.12 -8.14
C ALA B 1 0.34 12.18 -8.63
N GLU B 2 1.59 12.62 -8.51
CA GLU B 2 2.74 11.83 -8.93
C GLU B 2 3.40 11.24 -7.69
N THR B 3 3.11 9.97 -7.43
CA THR B 3 3.65 9.31 -6.25
C THR B 3 4.69 8.23 -6.50
N VAL B 4 5.75 8.28 -5.69
CA VAL B 4 6.82 7.30 -5.75
C VAL B 4 6.77 6.66 -4.37
N SER B 5 6.61 5.35 -4.31
CA SER B 5 6.54 4.66 -3.04
C SER B 5 7.23 3.30 -3.04
N PHE B 6 8.02 3.03 -2.00
CA PHE B 6 8.69 1.75 -1.90
C PHE B 6 8.85 1.35 -0.45
N ASN B 7 9.12 0.07 -0.23
CA ASN B 7 9.26 -0.44 1.12
C ASN B 7 10.31 -1.56 1.12
N PHE B 8 11.29 -1.45 2.00
CA PHE B 8 12.35 -2.44 2.12
C PHE B 8 12.43 -2.96 3.55
N ASN B 9 12.06 -4.21 3.76
CA ASN B 9 12.12 -4.80 5.10
C ASN B 9 13.43 -5.57 5.22
N SER B 10 14.13 -5.64 4.10
CA SER B 10 15.41 -6.33 4.00
C SER B 10 15.94 -6.01 2.61
N PHE B 11 17.24 -6.20 2.42
CA PHE B 11 17.84 -5.93 1.13
C PHE B 11 18.61 -7.14 0.64
N SER B 12 19.00 -7.13 -0.62
CA SER B 12 19.75 -8.22 -1.19
C SER B 12 20.49 -7.64 -2.38
N GLU B 13 21.72 -8.08 -2.59
CA GLU B 13 22.52 -7.59 -3.71
C GLU B 13 21.86 -8.02 -5.02
N GLY B 14 21.89 -7.14 -6.01
CA GLY B 14 21.28 -7.50 -7.27
C GLY B 14 19.95 -6.83 -7.53
N ASN B 15 19.31 -6.31 -6.49
CA ASN B 15 18.04 -5.62 -6.64
C ASN B 15 18.36 -4.32 -7.40
N PRO B 16 17.87 -4.19 -8.64
CA PRO B 16 18.14 -2.99 -9.43
C PRO B 16 17.54 -1.71 -8.85
N ALA B 17 16.67 -1.85 -7.86
CA ALA B 17 16.06 -0.68 -7.22
C ALA B 17 17.05 0.04 -6.30
N ILE B 18 18.17 -0.61 -6.02
CA ILE B 18 19.16 0.00 -5.14
C ILE B 18 20.53 0.16 -5.77
N ASN B 19 21.14 1.33 -5.53
CA ASN B 19 22.47 1.64 -6.03
C ASN B 19 23.43 1.65 -4.86
N PHE B 20 24.54 0.92 -5.00
CA PHE B 20 25.53 0.88 -3.95
C PHE B 20 26.74 1.66 -4.38
N GLN B 21 27.30 2.42 -3.44
CA GLN B 21 28.48 3.21 -3.72
C GLN B 21 29.45 3.05 -2.56
N GLY B 22 30.71 2.75 -2.85
CA GLY B 22 31.68 2.59 -1.79
C GLY B 22 31.76 1.21 -1.17
N ASP B 23 31.99 1.18 0.13
CA ASP B 23 32.13 -0.09 0.85
C ASP B 23 30.87 -0.73 1.38
N VAL B 24 29.76 -0.50 0.70
CA VAL B 24 28.50 -1.08 1.12
C VAL B 24 28.51 -2.59 0.87
N THR B 25 27.84 -3.32 1.74
CA THR B 25 27.75 -4.77 1.60
C THR B 25 26.47 -5.30 2.23
N VAL B 26 25.85 -6.28 1.58
CA VAL B 26 24.62 -6.86 2.09
C VAL B 26 24.92 -8.10 2.92
N LEU B 27 24.39 -8.14 4.15
CA LEU B 27 24.59 -9.27 5.03
C LEU B 27 23.57 -10.35 4.74
N SER B 28 23.86 -11.57 5.18
CA SER B 28 22.96 -12.70 4.95
C SER B 28 21.61 -12.49 5.60
N ASN B 29 21.57 -11.67 6.64
CA ASN B 29 20.31 -11.40 7.32
C ASN B 29 19.48 -10.32 6.60
N GLY B 30 19.95 -9.89 5.43
CA GLY B 30 19.22 -8.90 4.69
C GLY B 30 19.50 -7.46 5.06
N ASN B 31 20.34 -7.26 6.07
CA ASN B 31 20.71 -5.92 6.49
C ASN B 31 21.84 -5.40 5.62
N ILE B 32 21.91 -4.08 5.48
CA ILE B 32 22.97 -3.46 4.72
C ILE B 32 24.03 -2.94 5.68
N GLN B 33 25.30 -3.24 5.41
CA GLN B 33 26.38 -2.75 6.24
C GLN B 33 27.08 -1.69 5.40
N LEU B 34 27.04 -0.45 5.85
CA LEU B 34 27.62 0.65 5.09
C LEU B 34 29.14 0.76 4.98
N THR B 35 29.87 0.54 6.07
CA THR B 35 31.32 0.65 5.97
C THR B 35 32.05 -0.67 6.17
N ASN B 36 33.29 -0.70 5.67
CA ASN B 36 34.16 -1.88 5.77
C ASN B 36 35.06 -1.68 6.99
N LEU B 37 34.93 -2.55 8.00
CA LEU B 37 35.73 -2.43 9.21
C LEU B 37 37.23 -2.60 9.02
N ASN B 38 37.65 -2.97 7.82
CA ASN B 38 39.07 -3.19 7.54
C ASN B 38 39.72 -2.12 6.67
N LYS B 39 38.91 -1.20 6.15
CA LYS B 39 39.44 -0.15 5.30
C LYS B 39 39.58 1.15 6.05
N VAL B 40 40.59 1.93 5.66
CA VAL B 40 40.85 3.23 6.26
C VAL B 40 39.95 4.24 5.57
N ASN B 41 39.37 5.17 6.33
CA ASN B 41 38.49 6.16 5.74
C ASN B 41 37.40 5.52 4.88
N SER B 42 36.88 4.40 5.34
CA SER B 42 35.84 3.71 4.60
C SER B 42 34.60 4.58 4.42
N VAL B 43 33.99 4.48 3.25
CA VAL B 43 32.78 5.21 2.94
C VAL B 43 31.85 4.30 2.14
N GLY B 44 30.63 4.12 2.64
CA GLY B 44 29.65 3.29 1.96
C GLY B 44 28.34 4.03 1.86
N ARG B 45 27.71 3.97 0.69
CA ARG B 45 26.45 4.65 0.49
C ARG B 45 25.49 3.80 -0.32
N VAL B 46 24.22 3.86 0.06
CA VAL B 46 23.18 3.13 -0.63
C VAL B 46 22.14 4.18 -1.02
N LEU B 47 21.64 4.09 -2.23
CA LEU B 47 20.65 5.05 -2.74
C LEU B 47 19.51 4.33 -3.44
N TYR B 48 18.33 4.93 -3.42
CA TYR B 48 17.22 4.35 -4.16
C TYR B 48 17.67 4.64 -5.60
N ALA B 49 17.75 3.60 -6.43
CA ALA B 49 18.23 3.71 -7.79
C ALA B 49 17.46 4.64 -8.73
N MET B 50 16.19 4.85 -8.44
CA MET B 50 15.37 5.69 -9.29
C MET B 50 15.36 7.15 -8.83
N PRO B 51 15.68 8.09 -9.73
CA PRO B 51 15.65 9.49 -9.33
C PRO B 51 14.22 9.95 -9.08
N VAL B 52 14.02 10.73 -8.03
CA VAL B 52 12.70 11.23 -7.69
C VAL B 52 12.60 12.70 -8.03
N ARG B 53 11.46 13.10 -8.58
CA ARG B 53 11.26 14.49 -8.94
C ARG B 53 10.61 15.16 -7.72
N ILE B 54 11.40 15.84 -6.91
CA ILE B 54 10.87 16.49 -5.71
C ILE B 54 10.20 17.83 -5.99
N TRP B 55 10.48 18.41 -7.15
CA TRP B 55 9.83 19.66 -7.52
C TRP B 55 9.82 19.86 -9.03
N SER B 56 8.77 20.52 -9.50
CA SER B 56 8.57 20.75 -10.91
C SER B 56 8.78 22.23 -11.25
N SER B 57 9.65 22.47 -12.23
CA SER B 57 9.94 23.82 -12.67
C SER B 57 8.77 24.34 -13.50
N ALA B 58 7.93 23.42 -13.96
CA ALA B 58 6.77 23.78 -14.76
C ALA B 58 5.61 24.29 -13.89
N THR B 59 5.48 23.74 -12.70
CA THR B 59 4.41 24.14 -11.79
C THR B 59 4.91 24.87 -10.55
N GLY B 60 6.21 24.73 -10.26
CA GLY B 60 6.76 25.37 -9.09
C GLY B 60 6.37 24.61 -7.83
N ASN B 61 5.76 23.44 -8.04
CA ASN B 61 5.35 22.60 -6.94
C ASN B 61 6.50 21.77 -6.36
N VAL B 62 6.44 21.57 -5.05
CA VAL B 62 7.42 20.77 -4.35
C VAL B 62 6.65 19.61 -3.70
N ALA B 63 7.23 18.43 -3.73
CA ALA B 63 6.57 17.27 -3.15
C ALA B 63 6.74 17.21 -1.65
N SER B 64 5.86 16.46 -1.01
CA SER B 64 5.93 16.23 0.41
C SER B 64 6.33 14.77 0.46
N PHE B 65 6.96 14.33 1.54
CA PHE B 65 7.31 12.93 1.62
C PHE B 65 7.33 12.43 3.05
N LEU B 66 7.12 11.13 3.18
CA LEU B 66 7.11 10.47 4.47
C LEU B 66 8.03 9.27 4.30
N THR B 67 9.00 9.15 5.19
CA THR B 67 9.92 8.05 5.09
C THR B 67 10.24 7.60 6.50
N SER B 68 10.35 6.30 6.68
CA SER B 68 10.70 5.77 7.99
C SER B 68 11.77 4.72 7.72
N PHE B 69 12.71 4.60 8.65
CA PHE B 69 13.78 3.63 8.48
C PHE B 69 14.36 3.30 9.83
N SER B 70 15.03 2.16 9.90
CA SER B 70 15.66 1.76 11.15
C SER B 70 17.11 1.43 10.84
N PHE B 71 17.98 1.75 11.79
CA PHE B 71 19.39 1.48 11.61
C PHE B 71 19.94 1.02 12.94
N GLU B 72 21.20 0.59 12.93
CA GLU B 72 21.85 0.11 14.12
C GLU B 72 23.33 0.40 14.00
N MET B 73 23.94 0.84 15.09
CA MET B 73 25.37 1.09 15.11
C MET B 73 25.90 0.26 16.26
N LYS B 74 26.93 -0.52 16.00
CA LYS B 74 27.50 -1.36 17.03
C LYS B 74 29.02 -1.15 17.09
N ASP B 75 29.52 -0.99 18.32
CA ASP B 75 30.94 -0.78 18.53
C ASP B 75 31.69 -2.04 18.18
N ILE B 76 32.95 -1.88 17.81
CA ILE B 76 33.80 -3.02 17.51
C ILE B 76 35.03 -2.79 18.37
N LYS B 77 35.76 -3.85 18.66
CA LYS B 77 36.94 -3.75 19.50
C LYS B 77 38.04 -2.86 18.92
N ASP B 78 38.91 -1.94 19.24
CA ASP B 78 39.31 -1.14 20.21
C ASP B 78 39.20 0.14 19.24
N TYR B 79 38.60 0.04 17.94
CA TYR B 79 38.29 1.29 17.21
C TYR B 79 37.26 2.22 17.87
N ASP B 80 37.42 3.52 17.63
CA ASP B 80 36.50 4.54 18.14
C ASP B 80 35.17 4.37 17.43
N PRO B 81 34.07 4.30 18.18
CA PRO B 81 32.76 4.15 17.54
C PRO B 81 32.49 5.46 16.79
N ALA B 82 33.02 5.58 15.57
CA ALA B 82 32.86 6.78 14.75
C ALA B 82 32.36 6.43 13.35
N ASP B 83 31.81 7.40 12.60
CA ASP B 83 31.68 8.83 12.94
C ASP B 83 30.19 9.20 12.92
N GLY B 84 29.49 8.22 12.43
CA GLY B 84 28.06 8.14 12.06
C GLY B 84 27.42 7.76 10.69
N ILE B 85 26.09 7.95 10.58
CA ILE B 85 25.21 7.71 9.41
C ILE B 85 24.40 8.99 9.08
N ILE B 86 24.08 9.16 7.80
CA ILE B 86 23.33 10.33 7.35
C ILE B 86 22.33 9.93 6.28
N PHE B 87 21.08 10.34 6.48
CA PHE B 87 20.03 10.08 5.50
C PHE B 87 20.11 11.34 4.67
N PHE B 88 20.31 11.21 3.36
CA PHE B 88 20.41 12.42 2.56
C PHE B 88 19.66 12.43 1.25
N ILE B 89 19.57 13.63 0.69
CA ILE B 89 18.90 13.90 -0.57
C ILE B 89 19.96 14.64 -1.39
N ALA B 90 20.18 14.24 -2.62
CA ALA B 90 21.18 14.89 -3.44
C ALA B 90 20.88 14.80 -4.92
N PRO B 91 21.57 15.61 -5.73
CA PRO B 91 21.34 15.57 -7.18
C PRO B 91 21.48 14.13 -7.66
N GLU B 92 20.77 13.77 -8.73
CA GLU B 92 20.83 12.41 -9.21
C GLU B 92 22.20 11.96 -9.71
N ASP B 93 23.12 12.91 -9.90
CA ASP B 93 24.47 12.57 -10.35
C ASP B 93 25.38 12.40 -9.14
N THR B 94 24.81 12.46 -7.95
CA THR B 94 25.57 12.34 -6.72
C THR B 94 26.49 11.10 -6.66
N GLN B 95 27.74 11.35 -6.28
CA GLN B 95 28.76 10.32 -6.14
C GLN B 95 29.52 10.61 -4.85
N ILE B 96 30.25 9.62 -4.34
CA ILE B 96 31.06 9.85 -3.16
C ILE B 96 32.09 10.91 -3.57
N PRO B 97 32.20 12.00 -2.81
CA PRO B 97 33.15 13.06 -3.15
C PRO B 97 34.53 12.48 -3.50
N ALA B 98 35.13 12.96 -4.58
CA ALA B 98 36.44 12.46 -5.01
C ALA B 98 37.47 12.70 -3.92
N GLY B 99 38.28 11.68 -3.65
CA GLY B 99 39.30 11.81 -2.61
C GLY B 99 38.69 12.00 -1.24
N SER B 100 37.54 11.38 -1.00
CA SER B 100 36.88 11.51 0.30
C SER B 100 37.73 10.96 1.42
N ILE B 101 37.80 11.70 2.53
CA ILE B 101 38.57 11.25 3.67
C ILE B 101 37.65 10.51 4.64
N GLY B 102 36.38 10.39 4.25
CA GLY B 102 35.42 9.73 5.11
C GLY B 102 35.33 10.47 6.43
N GLY B 103 35.49 9.74 7.53
CA GLY B 103 35.42 10.34 8.84
C GLY B 103 34.23 11.25 9.06
N GLY B 104 34.50 12.46 9.53
CA GLY B 104 33.45 13.41 9.80
C GLY B 104 32.67 13.93 8.62
N THR B 105 33.15 13.66 7.40
CA THR B 105 32.43 14.14 6.22
C THR B 105 31.19 13.28 5.96
N LEU B 106 31.07 12.18 6.71
CA LEU B 106 29.96 11.25 6.59
C LEU B 106 29.73 10.72 5.16
N GLY B 107 30.73 10.88 4.31
CA GLY B 107 30.63 10.40 2.93
C GLY B 107 29.85 11.28 1.97
N VAL B 108 29.48 12.48 2.41
CA VAL B 108 28.71 13.38 1.55
C VAL B 108 29.35 14.74 1.33
N SER B 109 30.45 15.01 2.02
CA SER B 109 31.08 16.31 1.86
C SER B 109 32.57 16.25 1.59
N ASP B 110 33.15 17.39 1.22
CA ASP B 110 34.57 17.46 0.97
C ASP B 110 35.27 17.63 2.32
N THR B 111 36.59 17.81 2.28
CA THR B 111 37.39 17.97 3.48
C THR B 111 36.97 19.16 4.35
N LYS B 112 36.42 20.20 3.72
CA LYS B 112 35.97 21.37 4.47
C LYS B 112 34.56 21.16 5.02
N GLY B 113 33.95 20.05 4.66
CA GLY B 113 32.62 19.75 5.13
C GLY B 113 31.52 20.26 4.23
N ALA B 114 31.91 20.74 3.05
CA ALA B 114 30.95 21.27 2.08
C ALA B 114 30.54 20.19 1.10
N GLY B 115 29.31 20.30 0.61
CA GLY B 115 28.80 19.34 -0.35
C GLY B 115 27.46 19.83 -0.89
N HIS B 116 26.90 19.10 -1.84
CA HIS B 116 25.61 19.48 -2.40
C HIS B 116 24.60 18.43 -1.97
N PHE B 117 23.92 18.68 -0.87
CA PHE B 117 22.95 17.74 -0.36
C PHE B 117 22.19 18.31 0.83
N VAL B 118 21.11 17.63 1.19
CA VAL B 118 20.31 17.97 2.33
C VAL B 118 20.19 16.63 3.04
N GLY B 119 20.31 16.62 4.36
CA GLY B 119 20.20 15.36 5.06
C GLY B 119 20.07 15.46 6.55
N VAL B 120 19.78 14.31 7.15
CA VAL B 120 19.63 14.22 8.59
C VAL B 120 20.71 13.27 9.05
N GLU B 121 21.64 13.80 9.85
CA GLU B 121 22.75 12.98 10.34
C GLU B 121 22.56 12.48 11.76
N PHE B 122 23.13 11.30 11.99
CA PHE B 122 23.11 10.64 13.28
C PHE B 122 24.60 10.51 13.55
N ASP B 123 25.13 11.59 14.10
CA ASP B 123 26.54 11.76 14.40
C ASP B 123 27.02 11.17 15.72
N THR B 124 28.03 10.30 15.65
CA THR B 124 28.55 9.67 16.87
C THR B 124 29.96 10.07 17.28
N TYR B 125 30.55 11.02 16.56
CA TYR B 125 31.87 11.50 16.90
C TYR B 125 31.82 13.00 16.77
N SER B 126 32.52 13.71 17.66
CA SER B 126 32.48 15.16 17.61
C SER B 126 33.68 15.79 16.89
N ASN B 127 33.46 16.22 15.65
CA ASN B 127 34.51 16.85 14.85
C ASN B 127 34.50 18.36 15.05
N SER B 128 35.48 18.86 15.79
CA SER B 128 35.56 20.31 16.04
C SER B 128 35.68 21.10 14.73
N GLU B 129 36.33 20.51 13.73
CA GLU B 129 36.51 21.17 12.44
C GLU B 129 35.17 21.42 11.74
N TYR B 130 34.13 20.70 12.13
CA TYR B 130 32.80 20.90 11.53
C TYR B 130 31.82 21.46 12.55
N ASN B 131 32.36 21.98 13.64
CA ASN B 131 31.56 22.58 14.71
C ASN B 131 30.52 21.67 15.32
N ASP B 132 30.87 20.39 15.46
CA ASP B 132 29.95 19.43 16.05
C ASP B 132 29.69 19.74 17.50
N PRO B 133 28.50 19.39 17.99
CA PRO B 133 28.20 19.63 19.40
C PRO B 133 29.17 18.70 20.12
N PRO B 134 29.39 18.91 21.43
CA PRO B 134 30.32 18.03 22.14
C PRO B 134 29.85 16.60 22.32
N THR B 135 28.58 16.33 22.03
CA THR B 135 28.06 14.98 22.21
C THR B 135 27.46 14.39 20.95
N ASP B 136 27.03 13.13 21.04
CA ASP B 136 26.38 12.46 19.93
C ASP B 136 25.20 13.35 19.65
N HIS B 137 24.73 13.37 18.41
CA HIS B 137 23.62 14.25 18.09
C HIS B 137 22.95 13.94 16.78
N VAL B 138 21.75 14.49 16.62
CA VAL B 138 21.00 14.36 15.39
C VAL B 138 21.13 15.76 14.80
N GLY B 139 21.35 15.87 13.50
CA GLY B 139 21.48 17.18 12.91
C GLY B 139 20.89 17.30 11.52
N ILE B 140 20.41 18.50 11.19
CA ILE B 140 19.85 18.77 9.89
C ILE B 140 20.97 19.44 9.09
N ASP B 141 21.40 18.81 8.01
CA ASP B 141 22.49 19.34 7.19
C ASP B 141 22.05 19.85 5.82
N VAL B 142 22.51 21.04 5.47
CA VAL B 142 22.19 21.62 4.17
C VAL B 142 23.48 22.04 3.48
N ASN B 143 23.95 21.20 2.56
CA ASN B 143 25.17 21.46 1.80
C ASN B 143 26.42 21.51 2.70
N SER B 144 26.29 20.99 3.91
CA SER B 144 27.41 20.98 4.83
C SER B 144 27.18 20.07 6.04
N VAL B 145 28.26 19.49 6.57
CA VAL B 145 28.13 18.63 7.74
C VAL B 145 28.19 19.50 8.99
N ASP B 146 28.40 20.80 8.76
CA ASP B 146 28.39 21.76 9.85
C ASP B 146 26.88 22.00 9.91
N SER B 147 26.20 21.15 10.67
CA SER B 147 24.74 21.20 10.80
C SER B 147 24.14 22.57 10.99
N VAL B 148 22.99 22.77 10.37
CA VAL B 148 22.25 24.01 10.46
C VAL B 148 21.58 24.03 11.83
N LYS B 149 21.37 22.83 12.38
CA LYS B 149 20.73 22.70 13.67
C LYS B 149 20.94 21.31 14.21
N THR B 150 21.22 21.20 15.50
CA THR B 150 21.41 19.89 16.11
C THR B 150 20.62 19.78 17.39
N VAL B 151 20.48 18.55 17.86
CA VAL B 151 19.79 18.28 19.09
C VAL B 151 20.57 17.15 19.75
N PRO B 152 20.83 17.27 21.06
CA PRO B 152 21.58 16.22 21.74
C PRO B 152 20.92 14.86 21.51
N TRP B 153 21.74 13.83 21.38
CA TRP B 153 21.25 12.49 21.15
C TRP B 153 22.26 11.52 21.76
N ASN B 154 21.91 10.25 21.80
CA ASN B 154 22.80 9.26 22.38
C ASN B 154 22.75 7.96 21.59
N SER B 155 23.83 7.64 20.90
CA SER B 155 23.88 6.42 20.12
C SER B 155 24.24 5.25 21.01
N VAL B 156 23.31 4.31 21.15
CA VAL B 156 23.54 3.15 21.99
C VAL B 156 23.99 1.99 21.10
N SER B 157 25.16 1.46 21.40
CA SER B 157 25.71 0.35 20.63
C SER B 157 24.81 -0.88 20.67
N GLY B 158 24.52 -1.40 19.47
CA GLY B 158 23.69 -2.58 19.36
C GLY B 158 22.20 -2.30 19.40
N ALA B 159 21.85 -1.05 19.71
CA ALA B 159 20.46 -0.65 19.80
C ALA B 159 19.86 -0.38 18.42
N VAL B 160 18.62 -0.81 18.22
CA VAL B 160 17.95 -0.56 16.96
C VAL B 160 17.25 0.78 17.13
N VAL B 161 17.49 1.69 16.18
CA VAL B 161 16.91 3.02 16.22
C VAL B 161 15.88 3.18 15.09
N LYS B 162 14.68 3.65 15.44
CA LYS B 162 13.62 3.86 14.46
C LYS B 162 13.49 5.35 14.19
N VAL B 163 13.42 5.72 12.91
CA VAL B 163 13.31 7.12 12.56
C VAL B 163 12.13 7.42 11.63
N THR B 164 11.50 8.56 11.84
CA THR B 164 10.39 8.98 11.01
C THR B 164 10.65 10.43 10.61
N VAL B 165 10.57 10.68 9.30
CA VAL B 165 10.82 11.99 8.76
C VAL B 165 9.64 12.43 7.88
N ILE B 166 9.14 13.61 8.15
CA ILE B 166 8.04 14.14 7.36
C ILE B 166 8.49 15.44 6.75
N TYR B 167 8.29 15.57 5.45
CA TYR B 167 8.62 16.80 4.78
C TYR B 167 7.33 17.34 4.20
N ASP B 168 6.86 18.47 4.74
CA ASP B 168 5.65 19.11 4.27
C ASP B 168 6.05 20.18 3.25
N SER B 169 5.71 19.97 1.99
CA SER B 169 6.07 20.91 0.93
C SER B 169 5.53 22.33 1.11
N SER B 170 4.32 22.44 1.63
CA SER B 170 3.73 23.76 1.82
C SER B 170 4.55 24.69 2.71
N THR B 171 4.88 24.22 3.90
CA THR B 171 5.66 25.02 4.84
C THR B 171 7.15 24.80 4.69
N LYS B 172 7.54 23.87 3.82
CA LYS B 172 8.95 23.54 3.60
C LYS B 172 9.59 23.07 4.91
N THR B 173 8.78 22.44 5.76
CA THR B 173 9.27 21.95 7.04
C THR B 173 9.72 20.49 6.98
N LEU B 174 10.90 20.23 7.53
CA LEU B 174 11.46 18.89 7.59
C LEU B 174 11.51 18.54 9.06
N SER B 175 10.67 17.61 9.48
CA SER B 175 10.64 17.20 10.89
C SER B 175 11.04 15.74 11.06
N VAL B 176 11.86 15.49 12.08
CA VAL B 176 12.36 14.16 12.37
C VAL B 176 12.02 13.68 13.77
N ALA B 177 11.56 12.44 13.86
CA ALA B 177 11.24 11.84 15.14
C ALA B 177 12.11 10.61 15.28
N VAL B 178 13.03 10.63 16.24
CA VAL B 178 13.91 9.50 16.45
C VAL B 178 13.46 8.77 17.70
N THR B 179 13.16 7.48 17.57
CA THR B 179 12.73 6.67 18.71
C THR B 179 13.86 5.79 19.20
N ASN B 180 14.38 6.12 20.38
CA ASN B 180 15.47 5.34 20.95
C ASN B 180 15.03 4.02 21.54
N ASP B 181 16.02 3.18 21.81
CA ASP B 181 15.81 1.85 22.37
C ASP B 181 15.07 1.91 23.70
N ASN B 182 15.41 2.87 24.54
CA ASN B 182 14.77 3.01 25.83
C ASN B 182 13.30 3.45 25.74
N GLY B 183 12.88 3.91 24.56
CA GLY B 183 11.49 4.35 24.42
C GLY B 183 11.29 5.83 24.19
N ASP B 184 12.21 6.66 24.66
CA ASP B 184 12.10 8.11 24.50
C ASP B 184 12.23 8.50 23.04
N ILE B 185 11.66 9.65 22.70
CA ILE B 185 11.77 10.12 21.33
C ILE B 185 12.55 11.43 21.32
N THR B 186 13.21 11.67 20.21
CA THR B 186 14.00 12.89 20.03
C THR B 186 13.50 13.48 18.73
N THR B 187 13.17 14.77 18.72
CA THR B 187 12.72 15.40 17.49
C THR B 187 13.56 16.60 17.13
N ILE B 188 13.51 16.97 15.86
CA ILE B 188 14.24 18.12 15.39
C ILE B 188 13.52 18.53 14.11
N ALA B 189 13.23 19.82 13.99
CA ALA B 189 12.55 20.31 12.81
C ALA B 189 13.34 21.48 12.24
N GLN B 190 13.19 21.72 10.94
CA GLN B 190 13.91 22.80 10.29
C GLN B 190 13.30 23.10 8.93
N VAL B 191 13.05 24.37 8.67
CA VAL B 191 12.48 24.75 7.38
C VAL B 191 13.65 24.70 6.40
N VAL B 192 13.45 23.94 5.33
CA VAL B 192 14.46 23.80 4.29
C VAL B 192 13.76 23.79 2.95
N ASP B 193 14.10 24.76 2.11
CA ASP B 193 13.48 24.84 0.80
C ASP B 193 14.24 23.93 -0.14
N LEU B 194 13.68 22.77 -0.44
CA LEU B 194 14.33 21.81 -1.32
C LEU B 194 14.44 22.36 -2.73
N LYS B 195 13.44 23.14 -3.12
CA LYS B 195 13.37 23.75 -4.45
C LYS B 195 14.53 24.71 -4.67
N ALA B 196 14.97 25.35 -3.60
CA ALA B 196 16.07 26.31 -3.66
C ALA B 196 17.46 25.68 -3.53
N LYS B 197 17.53 24.54 -2.87
CA LYS B 197 18.81 23.88 -2.65
C LYS B 197 19.14 22.73 -3.58
N LEU B 198 18.13 22.05 -4.09
CA LEU B 198 18.38 20.90 -4.95
C LEU B 198 17.73 21.01 -6.32
N PRO B 199 18.20 20.21 -7.29
CA PRO B 199 17.61 20.27 -8.63
C PRO B 199 16.26 19.53 -8.59
N GLU B 200 15.54 19.54 -9.71
CA GLU B 200 14.23 18.89 -9.77
C GLU B 200 14.24 17.40 -9.48
N ARG B 201 15.26 16.71 -9.99
CA ARG B 201 15.38 15.28 -9.77
C ARG B 201 16.54 15.04 -8.82
N VAL B 202 16.30 14.20 -7.81
CA VAL B 202 17.32 13.91 -6.82
C VAL B 202 17.27 12.43 -6.44
N LYS B 203 18.16 12.04 -5.55
CA LYS B 203 18.17 10.67 -5.07
C LYS B 203 18.18 10.68 -3.56
N PHE B 204 17.53 9.67 -2.96
CA PHE B 204 17.50 9.55 -1.51
C PHE B 204 18.41 8.38 -1.17
N GLY B 205 19.06 8.45 -0.02
CA GLY B 205 19.93 7.37 0.37
C GLY B 205 20.55 7.55 1.74
N PHE B 206 21.42 6.60 2.10
CA PHE B 206 22.11 6.63 3.36
C PHE B 206 23.60 6.50 3.11
N SER B 207 24.37 7.22 3.93
CA SER B 207 25.80 7.18 3.84
C SER B 207 26.37 7.10 5.26
N ALA B 208 27.48 6.38 5.37
CA ALA B 208 28.16 6.23 6.65
C ALA B 208 29.63 6.22 6.30
N SER B 209 30.48 6.47 7.29
CA SER B 209 31.90 6.49 7.05
C SER B 209 32.67 6.33 8.34
N GLY B 210 33.98 6.13 8.19
CA GLY B 210 34.87 5.99 9.32
C GLY B 210 36.20 6.57 8.91
N SER B 211 37.18 6.46 9.80
CA SER B 211 38.52 6.96 9.53
C SER B 211 39.47 5.81 9.84
N LEU B 212 40.72 6.15 10.13
CA LEU B 212 41.71 5.13 10.45
C LEU B 212 41.42 4.56 11.84
N GLY B 213 41.25 5.44 12.81
CA GLY B 213 40.97 4.99 14.17
C GLY B 213 39.50 4.96 14.54
N GLY B 214 38.68 5.60 13.72
CA GLY B 214 37.25 5.63 13.98
C GLY B 214 36.52 4.67 13.07
N ARG B 215 36.03 3.57 13.63
CA ARG B 215 35.31 2.59 12.83
C ARG B 215 34.27 1.92 13.69
N GLN B 216 33.16 1.55 13.06
CA GLN B 216 32.08 0.87 13.76
C GLN B 216 31.15 0.25 12.73
N ILE B 217 30.22 -0.55 13.21
CA ILE B 217 29.27 -1.19 12.32
C ILE B 217 28.10 -0.23 12.11
N HIS B 218 27.81 0.05 10.84
CA HIS B 218 26.72 0.94 10.46
C HIS B 218 25.72 0.08 9.71
N LEU B 219 24.58 -0.21 10.33
CA LEU B 219 23.58 -1.06 9.68
C LEU B 219 22.27 -0.40 9.32
N ILE B 220 21.81 -0.65 8.11
CA ILE B 220 20.52 -0.14 7.68
C ILE B 220 19.66 -1.40 7.68
N ARG B 221 18.60 -1.39 8.48
CA ARG B 221 17.76 -2.56 8.61
C ARG B 221 16.49 -2.54 7.77
N SER B 222 15.87 -1.37 7.66
CA SER B 222 14.66 -1.26 6.85
C SER B 222 14.47 0.17 6.38
N TRP B 223 13.63 0.34 5.38
CA TRP B 223 13.38 1.66 4.83
C TRP B 223 12.12 1.72 3.98
N SER B 224 11.17 2.55 4.39
CA SER B 224 9.94 2.72 3.63
C SER B 224 9.90 4.20 3.25
N PHE B 225 9.35 4.49 2.09
CA PHE B 225 9.33 5.87 1.62
C PHE B 225 8.18 6.15 0.68
N THR B 226 7.66 7.37 0.77
CA THR B 226 6.57 7.77 -0.08
C THR B 226 6.61 9.27 -0.28
N SER B 227 6.56 9.68 -1.54
CA SER B 227 6.55 11.09 -1.86
C SER B 227 5.42 11.28 -2.85
N THR B 228 4.77 12.43 -2.75
CA THR B 228 3.67 12.75 -3.63
C THR B 228 3.85 14.19 -4.09
N LEU B 229 3.81 14.38 -5.41
CA LEU B 229 3.94 15.70 -5.99
C LEU B 229 2.63 16.05 -6.66
N ILE B 230 2.10 17.22 -6.37
CA ILE B 230 0.86 17.64 -6.99
C ILE B 230 1.22 18.12 -8.40
N THR B 231 0.73 17.41 -9.40
CA THR B 231 1.01 17.72 -10.79
C THR B 231 0.06 18.77 -11.39
N THR B 232 -1.02 19.05 -10.67
CA THR B 232 -2.01 20.03 -11.10
C THR B 232 -1.88 21.37 -10.36
N ALA C 1 14.29 11.75 31.28
CA ALA C 1 13.13 12.55 30.78
C ALA C 1 11.82 11.87 31.13
N GLU C 2 10.73 12.64 31.08
CA GLU C 2 9.41 12.11 31.39
C GLU C 2 8.75 11.67 30.09
N THR C 3 8.61 10.36 29.92
CA THR C 3 8.01 9.83 28.71
C THR C 3 6.72 9.04 28.97
N VAL C 4 5.72 9.29 28.13
CA VAL C 4 4.44 8.60 28.21
C VAL C 4 4.31 7.86 26.89
N SER C 5 4.03 6.57 26.96
CA SER C 5 3.91 5.78 25.76
C SER C 5 2.85 4.69 25.85
N PHE C 6 2.01 4.63 24.84
CA PHE C 6 0.96 3.61 24.80
C PHE C 6 0.68 3.21 23.37
N ASN C 7 0.17 2.00 23.20
CA ASN C 7 -0.14 1.50 21.87
C ASN C 7 -1.32 0.55 21.89
N PHE C 8 -2.34 0.90 21.12
CA PHE C 8 -3.55 0.10 21.03
C PHE C 8 -3.68 -0.45 19.62
N ASN C 9 -3.78 -1.76 19.50
CA ASN C 9 -3.97 -2.38 18.18
C ASN C 9 -5.45 -2.71 18.07
N SER C 10 -6.14 -2.60 19.20
CA SER C 10 -7.58 -2.82 19.28
C SER C 10 -8.05 -2.27 20.63
N PHE C 11 -9.30 -1.82 20.67
CA PHE C 11 -9.85 -1.25 21.89
C PHE C 11 -10.97 -2.12 22.44
N SER C 12 -11.45 -1.76 23.63
CA SER C 12 -12.53 -2.49 24.26
C SER C 12 -13.06 -1.67 25.42
N GLU C 13 -14.37 -1.60 25.54
CA GLU C 13 -14.99 -0.87 26.65
C GLU C 13 -14.60 -1.63 27.92
N GLY C 14 -14.40 -0.92 29.02
CA GLY C 14 -14.02 -1.60 30.24
C GLY C 14 -12.53 -1.53 30.49
N ASN C 15 -11.79 -1.04 29.50
CA ASN C 15 -10.34 -0.87 29.63
C ASN C 15 -10.19 0.51 30.28
N PRO C 16 -9.85 0.54 31.57
CA PRO C 16 -9.69 1.78 32.34
C PRO C 16 -8.74 2.80 31.71
N ALA C 17 -7.93 2.35 30.75
CA ALA C 17 -6.98 3.22 30.08
C ALA C 17 -7.66 4.21 29.14
N ILE C 18 -8.92 3.95 28.84
CA ILE C 18 -9.65 4.83 27.93
C ILE C 18 -11.00 5.33 28.44
N ASN C 19 -11.26 6.61 28.22
CA ASN C 19 -12.50 7.25 28.62
C ASN C 19 -13.41 7.34 27.40
N PHE C 20 -14.70 7.05 27.60
CA PHE C 20 -15.65 7.10 26.51
C PHE C 20 -16.65 8.22 26.79
N GLN C 21 -16.91 9.03 25.78
CA GLN C 21 -17.85 10.12 25.93
C GLN C 21 -18.78 10.15 24.75
N GLY C 22 -20.06 10.37 25.00
CA GLY C 22 -21.02 10.45 23.92
C GLY C 22 -21.48 9.12 23.37
N ASP C 23 -21.74 9.11 22.06
CA ASP C 23 -22.23 7.91 21.39
C ASP C 23 -21.18 6.90 20.94
N VAL C 24 -20.04 6.87 21.63
CA VAL C 24 -18.99 5.95 21.28
C VAL C 24 -19.43 4.52 21.57
N THR C 25 -18.84 3.57 20.85
CA THR C 25 -19.17 2.17 21.04
C THR C 25 -18.00 1.35 20.49
N VAL C 26 -17.67 0.25 21.17
CA VAL C 26 -16.58 -0.60 20.72
C VAL C 26 -17.12 -1.87 20.05
N LEU C 27 -16.89 -1.98 18.74
CA LEU C 27 -17.34 -3.14 17.99
C LEU C 27 -16.56 -4.39 18.40
N SER C 28 -17.17 -5.56 18.23
CA SER C 28 -16.53 -6.82 18.60
C SER C 28 -15.16 -7.03 17.96
N ASN C 29 -14.88 -6.27 16.91
CA ASN C 29 -13.60 -6.37 16.20
C ASN C 29 -12.52 -5.49 16.82
N GLY C 30 -12.85 -4.84 17.93
CA GLY C 30 -11.90 -3.99 18.62
C GLY C 30 -11.88 -2.56 18.10
N ASN C 31 -12.69 -2.27 17.09
CA ASN C 31 -12.73 -0.93 16.53
C ASN C 31 -13.64 -0.03 17.33
N ILE C 32 -13.25 1.24 17.40
CA ILE C 32 -14.05 2.24 18.09
C ILE C 32 -14.90 2.95 17.04
N GLN C 33 -16.21 2.92 17.21
CA GLN C 33 -17.12 3.60 16.31
C GLN C 33 -17.56 4.83 17.10
N LEU C 34 -17.15 6.01 16.63
CA LEU C 34 -17.45 7.25 17.32
C LEU C 34 -18.91 7.70 17.32
N THR C 35 -19.60 7.63 16.18
CA THR C 35 -20.99 8.06 16.16
C THR C 35 -22.00 6.93 16.08
N ASN C 36 -23.23 7.26 16.43
CA ASN C 36 -24.33 6.31 16.41
C ASN C 36 -25.11 6.64 15.14
N LEU C 37 -25.16 5.71 14.20
CA LEU C 37 -25.84 5.96 12.94
C LEU C 37 -27.33 6.21 13.08
N ASN C 38 -27.89 5.88 14.24
CA ASN C 38 -29.32 6.06 14.45
C ASN C 38 -29.73 7.32 15.19
N LYS C 39 -28.77 8.02 15.78
CA LYS C 39 -29.07 9.25 16.52
C LYS C 39 -28.86 10.51 15.70
N VAL C 40 -29.72 11.50 15.94
CA VAL C 40 -29.62 12.78 15.27
C VAL C 40 -28.50 13.55 15.97
N ASN C 41 -27.79 14.38 15.24
CA ASN C 41 -26.70 15.16 15.83
C ASN C 41 -25.85 14.32 16.79
N SER C 42 -25.41 13.14 16.34
CA SER C 42 -24.61 12.26 17.18
C SER C 42 -23.17 12.73 17.39
N VAL C 43 -22.67 12.55 18.61
CA VAL C 43 -21.31 12.92 18.96
C VAL C 43 -20.70 11.85 19.85
N GLY C 44 -19.51 11.42 19.49
CA GLY C 44 -18.82 10.41 20.26
C GLY C 44 -17.35 10.78 20.32
N ARG C 45 -16.74 10.63 21.48
CA ARG C 45 -15.34 10.98 21.63
C ARG C 45 -14.67 9.92 22.50
N VAL C 46 -13.37 9.74 22.29
CA VAL C 46 -12.62 8.77 23.06
C VAL C 46 -11.32 9.45 23.47
N LEU C 47 -10.92 9.25 24.71
CA LEU C 47 -9.71 9.89 25.23
C LEU C 47 -8.81 8.92 25.97
N TYR C 48 -7.52 9.19 25.95
CA TYR C 48 -6.61 8.35 26.71
C TYR C 48 -6.89 8.81 28.13
N ALA C 49 -7.37 7.89 28.96
CA ALA C 49 -7.75 8.18 30.35
C ALA C 49 -6.74 8.96 31.19
N MET C 50 -5.46 8.68 30.99
CA MET C 50 -4.41 9.35 31.76
C MET C 50 -3.96 10.68 31.16
N PRO C 51 -4.08 11.77 31.93
CA PRO C 51 -3.65 13.06 31.40
C PRO C 51 -2.14 13.05 31.17
N VAL C 52 -1.70 13.77 30.15
CA VAL C 52 -0.29 13.85 29.82
C VAL C 52 0.22 15.25 30.05
N ARG C 53 1.37 15.38 30.70
CA ARG C 53 1.92 16.71 30.94
C ARG C 53 2.70 17.06 29.67
N ILE C 54 2.20 18.03 28.91
CA ILE C 54 2.85 18.45 27.69
C ILE C 54 3.89 19.52 27.94
N TRP C 55 3.68 20.37 28.95
CA TRP C 55 4.67 21.39 29.27
C TRP C 55 4.76 21.57 30.79
N SER C 56 5.87 22.14 31.24
CA SER C 56 6.09 22.34 32.66
C SER C 56 6.21 23.82 33.04
N SER C 57 5.42 24.24 34.01
CA SER C 57 5.44 25.63 34.47
C SER C 57 6.72 25.91 35.25
N ALA C 58 7.35 24.83 35.73
CA ALA C 58 8.58 24.94 36.49
C ALA C 58 9.80 25.18 35.60
N THR C 59 9.97 24.29 34.62
CA THR C 59 11.10 24.39 33.70
C THR C 59 10.77 25.20 32.45
N GLY C 60 9.48 25.32 32.14
CA GLY C 60 9.09 26.06 30.95
C GLY C 60 9.22 25.23 29.69
N ASN C 61 9.68 23.99 29.84
CA ASN C 61 9.85 23.08 28.71
C ASN C 61 8.54 22.52 28.19
N VAL C 62 8.52 22.18 26.91
CA VAL C 62 7.34 21.60 26.28
C VAL C 62 7.77 20.27 25.69
N ALA C 63 6.89 19.28 25.80
CA ALA C 63 7.16 17.94 25.31
C ALA C 63 7.03 17.82 23.81
N SER C 64 7.79 16.91 23.25
CA SER C 64 7.70 16.63 21.83
C SER C 64 6.93 15.33 21.84
N PHE C 65 6.22 15.04 20.76
CA PHE C 65 5.50 13.78 20.71
C PHE C 65 5.38 13.23 19.30
N LEU C 66 5.25 11.91 19.24
CA LEU C 66 5.10 11.21 17.98
C LEU C 66 3.88 10.34 18.17
N THR C 67 2.97 10.40 17.22
CA THR C 67 1.77 9.58 17.31
C THR C 67 1.25 9.27 15.94
N SER C 68 0.82 8.04 15.76
CA SER C 68 0.23 7.64 14.50
C SER C 68 -1.02 6.84 14.83
N PHE C 69 -1.97 6.86 13.92
CA PHE C 69 -3.20 6.14 14.13
C PHE C 69 -3.85 5.87 12.79
N SER C 70 -4.76 4.92 12.77
CA SER C 70 -5.44 4.58 11.54
C SER C 70 -6.93 4.63 11.82
N PHE C 71 -7.68 5.10 10.84
CA PHE C 71 -9.12 5.18 10.98
C PHE C 71 -9.80 4.79 9.69
N GLU C 72 -11.12 4.75 9.71
CA GLU C 72 -11.87 4.39 8.53
C GLU C 72 -13.22 5.10 8.57
N MET C 73 -13.58 5.71 7.45
CA MET C 73 -14.87 6.36 7.32
C MET C 73 -15.56 5.68 6.15
N LYS C 74 -16.83 5.34 6.32
CA LYS C 74 -17.57 4.68 5.26
C LYS C 74 -18.97 5.24 5.17
N ASP C 75 -19.50 5.34 3.96
CA ASP C 75 -20.84 5.87 3.75
C ASP C 75 -21.91 4.86 4.16
N ILE C 76 -23.09 5.37 4.47
CA ILE C 76 -24.22 4.52 4.79
C ILE C 76 -25.36 5.04 3.94
N LYS C 77 -26.15 4.12 3.41
CA LYS C 77 -27.26 4.46 2.54
C LYS C 77 -28.16 5.58 3.05
N ASP C 78 -28.38 6.50 2.10
CA ASP C 78 -29.11 7.77 2.15
C ASP C 78 -28.87 8.72 3.32
N TYR C 79 -27.60 9.09 3.51
CA TYR C 79 -27.19 10.06 4.53
C TYR C 79 -25.92 10.69 3.97
N ASP C 80 -25.79 12.00 4.07
CA ASP C 80 -24.60 12.67 3.58
C ASP C 80 -23.40 12.19 4.40
N PRO C 81 -22.31 11.79 3.72
CA PRO C 81 -21.08 11.31 4.38
C PRO C 81 -20.49 12.50 5.14
N ALA C 82 -20.91 12.68 6.39
CA ALA C 82 -20.44 13.81 7.21
C ALA C 82 -20.30 13.40 8.66
N ASP C 83 -19.65 14.23 9.49
CA ASP C 83 -19.06 15.52 9.10
C ASP C 83 -17.53 15.40 9.05
N GLY C 84 -17.13 14.36 9.74
CA GLY C 84 -15.77 13.90 10.00
C GLY C 84 -15.27 13.49 11.38
N ILE C 85 -13.95 13.26 11.44
CA ILE C 85 -13.19 12.88 12.65
C ILE C 85 -12.07 13.91 12.98
N ILE C 86 -11.76 14.13 14.26
CA ILE C 86 -10.74 15.08 14.66
C ILE C 86 -9.91 14.51 15.80
N PHE C 87 -8.60 14.53 15.63
CA PHE C 87 -7.69 14.07 16.66
C PHE C 87 -7.42 15.34 17.45
N PHE C 88 -7.84 15.38 18.71
CA PHE C 88 -7.64 16.60 19.48
C PHE C 88 -6.90 16.47 20.79
N ILE C 89 -6.39 17.60 21.24
CA ILE C 89 -5.66 17.73 22.50
C ILE C 89 -6.45 18.76 23.27
N ALA C 90 -6.75 18.47 24.54
CA ALA C 90 -7.56 19.39 25.31
C ALA C 90 -7.35 19.28 26.80
N PRO C 91 -7.86 20.25 27.58
CA PRO C 91 -7.71 20.23 29.04
C PRO C 91 -8.16 18.87 29.57
N GLU C 92 -7.61 18.46 30.70
CA GLU C 92 -7.93 17.16 31.26
C GLU C 92 -9.39 17.00 31.70
N ASP C 93 -10.13 18.08 31.79
CA ASP C 93 -11.54 18.01 32.19
C ASP C 93 -12.49 18.18 31.01
N THR C 94 -11.93 18.18 29.80
CA THR C 94 -12.71 18.37 28.57
C THR C 94 -13.93 17.45 28.49
N GLN C 95 -15.05 18.02 28.06
CA GLN C 95 -16.30 17.28 27.95
C GLN C 95 -16.96 17.67 26.64
N ILE C 96 -17.92 16.87 26.19
CA ILE C 96 -18.63 17.22 24.97
C ILE C 96 -19.38 18.51 25.31
N PRO C 97 -19.23 19.53 24.46
CA PRO C 97 -19.90 20.82 24.68
C PRO C 97 -21.37 20.65 25.11
N ALA C 98 -21.79 21.45 26.09
CA ALA C 98 -23.17 21.38 26.56
C ALA C 98 -24.11 21.73 25.42
N GLY C 99 -25.14 20.89 25.22
CA GLY C 99 -26.09 21.14 24.14
C GLY C 99 -25.47 21.11 22.76
N SER C 100 -24.47 20.26 22.56
CA SER C 100 -23.79 20.13 21.27
C SER C 100 -24.73 19.76 20.13
N ILE C 101 -24.56 20.41 18.99
CA ILE C 101 -25.37 20.13 17.82
C ILE C 101 -24.60 19.21 16.87
N GLY C 102 -23.47 18.67 17.36
CA GLY C 102 -22.64 17.81 16.54
C GLY C 102 -22.36 18.47 15.20
N GLY C 103 -22.67 17.77 14.11
CA GLY C 103 -22.44 18.33 12.80
C GLY C 103 -21.06 18.90 12.61
N GLY C 104 -20.97 20.04 11.93
CA GLY C 104 -19.68 20.66 11.66
C GLY C 104 -18.83 20.96 12.88
N THR C 105 -19.40 20.87 14.08
CA THR C 105 -18.63 21.16 15.28
C THR C 105 -17.65 20.05 15.63
N LEU C 106 -17.82 18.89 14.98
CA LEU C 106 -16.96 17.73 15.22
C LEU C 106 -16.96 17.28 16.68
N GLY C 107 -17.91 17.77 17.47
CA GLY C 107 -18.00 17.37 18.86
C GLY C 107 -16.96 17.98 19.78
N VAL C 108 -16.36 19.09 19.35
CA VAL C 108 -15.33 19.76 20.14
C VAL C 108 -15.57 21.26 20.30
N SER C 109 -16.46 21.82 19.47
CA SER C 109 -16.72 23.25 19.54
C SER C 109 -18.19 23.57 19.82
N ASP C 110 -18.46 24.84 20.11
CA ASP C 110 -19.83 25.23 20.36
C ASP C 110 -20.47 25.50 19.01
N THR C 111 -21.66 26.08 19.01
CA THR C 111 -22.36 26.37 17.78
C THR C 111 -21.57 27.32 16.89
N LYS C 112 -20.87 28.26 17.51
CA LYS C 112 -20.07 29.24 16.77
C LYS C 112 -18.78 28.61 16.26
N GLY C 113 -18.47 27.39 16.71
CA GLY C 113 -17.26 26.72 16.28
C GLY C 113 -16.06 26.98 17.17
N ALA C 114 -16.32 27.46 18.38
CA ALA C 114 -15.24 27.76 19.33
C ALA C 114 -15.15 26.70 20.42
N GLY C 115 -13.94 26.51 20.94
CA GLY C 115 -13.71 25.54 21.99
C GLY C 115 -12.28 25.63 22.51
N HIS C 116 -11.97 24.86 23.54
CA HIS C 116 -10.61 24.88 24.08
C HIS C 116 -9.97 23.57 23.67
N PHE C 117 -9.20 23.63 22.59
CA PHE C 117 -8.57 22.43 22.07
C PHE C 117 -7.66 22.70 20.88
N VAL C 118 -6.73 21.80 20.66
CA VAL C 118 -5.86 21.88 19.50
C VAL C 118 -6.07 20.51 18.85
N GLY C 119 -6.16 20.48 17.53
CA GLY C 119 -6.37 19.21 16.88
C GLY C 119 -6.20 19.23 15.38
N VAL C 120 -6.18 18.02 14.81
CA VAL C 120 -6.06 17.83 13.37
C VAL C 120 -7.37 17.19 12.95
N GLU C 121 -8.09 17.87 12.08
CA GLU C 121 -9.37 17.35 11.63
C GLU C 121 -9.31 16.74 10.25
N PHE C 122 -10.14 15.72 10.05
CA PHE C 122 -10.27 15.02 8.79
C PHE C 122 -11.73 15.29 8.47
N ASP C 123 -11.91 16.46 7.87
CA ASP C 123 -13.20 17.03 7.53
C ASP C 123 -13.78 16.60 6.18
N THR C 124 -14.95 15.98 6.23
CA THR C 124 -15.61 15.49 5.02
C THR C 124 -16.86 16.24 4.55
N TYR C 125 -17.22 17.32 5.23
CA TYR C 125 -18.38 18.12 4.84
C TYR C 125 -18.02 19.60 4.88
N SER C 126 -18.44 20.36 3.89
CA SER C 126 -18.10 21.77 3.85
C SER C 126 -19.11 22.69 4.54
N ASN C 127 -18.83 23.05 5.79
CA ASN C 127 -19.69 23.95 6.57
C ASN C 127 -19.24 25.38 6.29
N SER C 128 -20.02 26.14 5.56
CA SER C 128 -19.64 27.52 5.26
C SER C 128 -19.66 28.38 6.52
N GLU C 129 -20.46 27.98 7.51
CA GLU C 129 -20.55 28.75 8.75
C GLU C 129 -19.21 28.75 9.51
N TYR C 130 -18.31 27.84 9.15
CA TYR C 130 -17.01 27.77 9.81
C TYR C 130 -15.90 27.97 8.79
N ASN C 131 -16.28 28.54 7.65
CA ASN C 131 -15.36 28.83 6.55
C ASN C 131 -14.58 27.63 6.01
N ASP C 132 -15.20 26.46 5.96
CA ASP C 132 -14.53 25.28 5.43
C ASP C 132 -14.19 25.45 3.96
N PRO C 133 -13.18 24.71 3.50
CA PRO C 133 -12.81 24.79 2.09
C PRO C 133 -13.98 24.13 1.36
N PRO C 134 -14.04 24.24 0.03
CA PRO C 134 -15.16 23.60 -0.68
C PRO C 134 -15.07 22.09 -0.86
N THR C 135 -13.95 21.49 -0.46
CA THR C 135 -13.77 20.05 -0.61
C THR C 135 -13.42 19.37 0.71
N ASP C 136 -13.36 18.04 0.70
CA ASP C 136 -12.99 17.30 1.88
C ASP C 136 -11.60 17.84 2.21
N HIS C 137 -11.21 17.80 3.47
CA HIS C 137 -9.91 18.36 3.81
C HIS C 137 -9.37 17.99 5.17
N VAL C 138 -8.08 18.24 5.35
CA VAL C 138 -7.42 18.01 6.61
C VAL C 138 -7.07 19.40 7.11
N GLY C 139 -7.33 19.66 8.39
CA GLY C 139 -7.04 20.98 8.91
C GLY C 139 -6.49 20.99 10.33
N ILE C 140 -5.68 22.01 10.61
CA ILE C 140 -5.10 22.19 11.93
C ILE C 140 -6.00 23.21 12.63
N ASP C 141 -6.66 22.78 13.70
CA ASP C 141 -7.55 23.67 14.44
C ASP C 141 -7.00 24.05 15.81
N VAL C 142 -7.08 25.34 16.11
CA VAL C 142 -6.62 25.88 17.37
C VAL C 142 -7.80 26.61 18.01
N ASN C 143 -8.47 25.97 18.96
CA ASN C 143 -9.62 26.56 19.66
C ASN C 143 -10.81 26.90 18.77
N SER C 144 -10.80 26.41 17.54
CA SER C 144 -11.88 26.70 16.61
C SER C 144 -11.89 25.70 15.47
N VAL C 145 -13.08 25.40 14.95
CA VAL C 145 -13.17 24.47 13.82
C VAL C 145 -13.00 25.29 12.55
N ASP C 146 -12.71 26.58 12.72
CA ASP C 146 -12.43 27.45 11.59
C ASP C 146 -10.92 27.26 11.49
N SER C 147 -10.51 26.16 10.88
CA SER C 147 -9.11 25.80 10.73
C SER C 147 -8.17 26.96 10.46
N VAL C 148 -7.07 26.98 11.21
CA VAL C 148 -6.04 27.99 11.04
C VAL C 148 -5.42 27.74 9.67
N LYS C 149 -5.48 26.49 9.25
CA LYS C 149 -4.91 26.07 7.97
C LYS C 149 -5.49 24.73 7.51
N THR C 150 -5.81 24.63 6.23
CA THR C 150 -6.35 23.40 5.68
C THR C 150 -5.62 23.05 4.40
N VAL C 151 -5.74 21.79 4.00
CA VAL C 151 -5.12 21.29 2.79
C VAL C 151 -6.16 20.37 2.13
N PRO C 152 -6.28 20.43 0.80
CA PRO C 152 -7.25 19.58 0.11
C PRO C 152 -6.97 18.10 0.36
N TRP C 153 -8.03 17.35 0.59
CA TRP C 153 -7.92 15.93 0.86
C TRP C 153 -9.12 15.24 0.24
N ASN C 154 -9.19 13.93 0.42
CA ASN C 154 -10.29 13.18 -0.13
C ASN C 154 -10.56 11.95 0.72
N SER C 155 -11.71 11.97 1.40
CA SER C 155 -12.10 10.86 2.25
C SER C 155 -12.71 9.77 1.39
N VAL C 156 -12.04 8.63 1.31
CA VAL C 156 -12.52 7.50 0.52
C VAL C 156 -13.29 6.54 1.42
N SER C 157 -14.54 6.27 1.05
CA SER C 157 -15.41 5.39 1.81
C SER C 157 -14.87 3.97 1.92
N GLY C 158 -14.82 3.46 3.14
CA GLY C 158 -14.33 2.11 3.35
C GLY C 158 -12.83 1.95 3.33
N ALA C 159 -12.11 3.02 3.02
CA ALA C 159 -10.65 2.94 2.99
C ALA C 159 -10.04 3.16 4.38
N VAL C 160 -8.97 2.43 4.66
CA VAL C 160 -8.26 2.55 5.93
C VAL C 160 -7.15 3.58 5.75
N VAL C 161 -7.23 4.68 6.50
CA VAL C 161 -6.25 5.75 6.42
C VAL C 161 -5.27 5.71 7.57
N LYS C 162 -4.00 5.96 7.25
CA LYS C 162 -2.96 5.98 8.26
C LYS C 162 -2.45 7.40 8.45
N VAL C 163 -2.36 7.82 9.72
CA VAL C 163 -1.92 9.17 10.02
C VAL C 163 -0.73 9.18 10.96
N THR C 164 0.27 9.99 10.63
CA THR C 164 1.45 10.12 11.47
C THR C 164 1.55 11.59 11.86
N VAL C 165 1.69 11.83 13.15
CA VAL C 165 1.78 13.19 13.64
C VAL C 165 3.03 13.37 14.49
N ILE C 166 3.78 14.43 14.17
CA ILE C 166 4.99 14.76 14.90
C ILE C 166 4.88 16.18 15.41
N TYR C 167 5.17 16.37 16.69
CA TYR C 167 5.16 17.69 17.26
C TYR C 167 6.56 17.91 17.80
N ASP C 168 7.25 18.89 17.23
CA ASP C 168 8.61 19.23 17.63
C ASP C 168 8.54 20.41 18.60
N SER C 169 8.72 20.15 19.89
CA SER C 169 8.63 21.20 20.89
C SER C 169 9.55 22.40 20.58
N SER C 170 10.79 22.13 20.23
CA SER C 170 11.74 23.18 19.90
C SER C 170 11.19 24.23 18.93
N THR C 171 10.72 23.81 17.77
CA THR C 171 10.17 24.76 16.81
C THR C 171 8.66 24.89 16.94
N LYS C 172 8.09 24.18 17.91
CA LYS C 172 6.65 24.19 18.16
C LYS C 172 5.86 23.83 16.91
N THR C 173 6.48 23.09 16.01
CA THR C 173 5.81 22.71 14.77
C THR C 173 5.04 21.39 14.89
N LEU C 174 3.83 21.40 14.34
CA LEU C 174 2.96 20.24 14.33
C LEU C 174 2.79 19.80 12.88
N SER C 175 3.47 18.73 12.47
CA SER C 175 3.33 18.27 11.09
C SER C 175 2.56 16.96 11.03
N VAL C 176 1.69 16.88 10.02
CA VAL C 176 0.83 15.72 9.80
C VAL C 176 1.06 15.07 8.46
N ALA C 177 1.12 13.75 8.46
CA ALA C 177 1.32 13.01 7.22
C ALA C 177 0.17 12.00 7.13
N VAL C 178 -0.63 12.13 6.09
CA VAL C 178 -1.77 11.24 5.88
C VAL C 178 -1.52 10.34 4.69
N THR C 179 -1.50 9.03 4.92
CA THR C 179 -1.28 8.09 3.84
C THR C 179 -2.63 7.53 3.41
N ASN C 180 -3.04 7.88 2.19
CA ASN C 180 -4.30 7.41 1.65
C ASN C 180 -4.20 5.97 1.19
N ASP C 181 -5.36 5.38 0.92
CA ASP C 181 -5.45 4.00 0.48
C ASP C 181 -4.67 3.77 -0.81
N ASN C 182 -4.78 4.71 -1.75
CA ASN C 182 -4.09 4.57 -3.03
C ASN C 182 -2.59 4.82 -2.93
N GLY C 183 -2.08 5.02 -1.72
CA GLY C 183 -0.66 5.25 -1.55
C GLY C 183 -0.23 6.71 -1.50
N ASP C 184 -1.05 7.63 -1.99
CA ASP C 184 -0.67 9.05 -1.97
C ASP C 184 -0.61 9.58 -0.54
N ILE C 185 0.28 10.54 -0.30
CA ILE C 185 0.37 11.12 1.02
C ILE C 185 -0.02 12.58 0.94
N THR C 186 -0.60 13.07 2.03
CA THR C 186 -1.02 14.45 2.14
C THR C 186 -0.40 14.97 3.42
N THR C 187 0.23 16.14 3.35
CA THR C 187 0.84 16.72 4.54
C THR C 187 0.31 18.12 4.81
N ILE C 188 0.46 18.52 6.07
CA ILE C 188 0.04 19.83 6.52
C ILE C 188 0.84 20.05 7.79
N ALA C 189 1.38 21.25 7.95
CA ALA C 189 2.17 21.58 9.12
C ALA C 189 1.82 23.00 9.55
N GLN C 190 1.85 23.23 10.86
CA GLN C 190 1.53 24.54 11.40
C GLN C 190 2.30 24.73 12.69
N VAL C 191 2.78 25.95 12.91
CA VAL C 191 3.48 26.25 14.14
C VAL C 191 2.38 26.49 15.19
N VAL C 192 2.42 25.74 16.27
CA VAL C 192 1.41 25.88 17.32
C VAL C 192 2.06 25.84 18.70
N ASP C 193 1.83 26.89 19.49
CA ASP C 193 2.40 26.97 20.83
C ASP C 193 1.45 26.31 21.83
N LEU C 194 1.69 25.03 22.11
CA LEU C 194 0.85 24.29 23.04
C LEU C 194 0.87 24.88 24.44
N LYS C 195 2.02 25.42 24.83
CA LYS C 195 2.18 26.02 26.15
C LYS C 195 1.23 27.20 26.32
N ALA C 196 1.06 27.97 25.25
CA ALA C 196 0.20 29.14 25.26
C ALA C 196 -1.28 28.83 25.05
N LYS C 197 -1.57 27.73 24.36
CA LYS C 197 -2.96 27.39 24.07
C LYS C 197 -3.55 26.35 25.00
N LEU C 198 -2.69 25.56 25.63
CA LEU C 198 -3.15 24.50 26.51
C LEU C 198 -2.50 24.45 27.89
N PRO C 199 -3.21 23.84 28.86
CA PRO C 199 -2.68 23.72 30.22
C PRO C 199 -1.53 22.72 30.23
N GLU C 200 -0.85 22.59 31.37
CA GLU C 200 0.27 21.67 31.48
C GLU C 200 -0.19 20.22 31.33
N ARG C 201 -1.32 19.89 31.92
CA ARG C 201 -1.85 18.54 31.86
C ARG C 201 -3.01 18.52 30.89
N VAL C 202 -2.89 17.68 29.86
CA VAL C 202 -3.93 17.57 28.85
C VAL C 202 -4.32 16.14 28.58
N LYS C 203 -5.31 15.99 27.71
CA LYS C 203 -5.78 14.69 27.29
C LYS C 203 -5.86 14.64 25.77
N PHE C 204 -5.41 13.53 25.22
CA PHE C 204 -5.44 13.31 23.79
C PHE C 204 -6.63 12.40 23.50
N GLY C 205 -7.20 12.51 22.31
CA GLY C 205 -8.31 11.67 21.98
C GLY C 205 -8.85 11.96 20.60
N PHE C 206 -9.92 11.25 20.24
CA PHE C 206 -10.56 11.42 18.95
C PHE C 206 -12.02 11.74 19.16
N SER C 207 -12.55 12.55 18.25
CA SER C 207 -13.95 12.93 18.31
C SER C 207 -14.51 12.93 16.89
N ALA C 208 -15.80 12.63 16.78
CA ALA C 208 -16.49 12.60 15.50
C ALA C 208 -17.94 12.93 15.78
N SER C 209 -18.64 13.44 14.77
CA SER C 209 -20.03 13.78 14.96
C SER C 209 -20.78 13.70 13.66
N GLY C 210 -22.09 13.95 13.75
CA GLY C 210 -22.95 13.94 12.58
C GLY C 210 -24.13 14.84 12.88
N SER C 211 -24.99 15.01 11.89
CA SER C 211 -26.19 15.83 12.05
C SER C 211 -27.38 14.94 11.77
N LEU C 212 -28.51 15.55 11.38
CA LEU C 212 -29.71 14.80 11.09
C LEU C 212 -29.53 14.13 9.72
N GLY C 213 -29.21 14.94 8.71
CA GLY C 213 -29.03 14.42 7.38
C GLY C 213 -27.60 13.98 7.11
N GLY C 214 -26.69 14.35 7.99
CA GLY C 214 -25.29 13.98 7.82
C GLY C 214 -24.84 12.91 8.78
N ARG C 215 -24.57 11.72 8.23
CA ARG C 215 -24.12 10.62 9.05
C ARG C 215 -23.20 9.70 8.24
N GLN C 216 -22.29 9.03 8.94
CA GLN C 216 -21.37 8.11 8.30
C GLN C 216 -20.68 7.34 9.40
N ILE C 217 -20.06 6.22 9.02
CA ILE C 217 -19.34 5.41 9.98
C ILE C 217 -17.99 6.03 10.27
N HIS C 218 -17.68 6.22 11.54
CA HIS C 218 -16.41 6.78 11.97
C HIS C 218 -15.70 5.77 12.86
N LEU C 219 -14.67 5.12 12.32
CA LEU C 219 -13.95 4.11 13.10
C LEU C 219 -12.48 4.44 13.36
N ILE C 220 -12.03 4.14 14.58
CA ILE C 220 -10.65 4.32 14.98
C ILE C 220 -10.14 2.90 15.12
N ARG C 221 -9.17 2.52 14.29
CA ARG C 221 -8.63 1.17 14.30
C ARG C 221 -7.44 0.94 15.23
N SER C 222 -6.44 1.81 15.17
CA SER C 222 -5.28 1.65 16.03
C SER C 222 -4.71 3.01 16.45
N TRP C 223 -3.85 3.01 17.45
CA TRP C 223 -3.28 4.25 17.93
C TRP C 223 -2.07 4.07 18.85
N SER C 224 -0.92 4.53 18.39
CA SER C 224 0.29 4.46 19.18
C SER C 224 0.70 5.90 19.47
N PHE C 225 1.26 6.13 20.65
CA PHE C 225 1.63 7.45 21.08
C PHE C 225 2.85 7.46 21.98
N THR C 226 3.69 8.47 21.80
CA THR C 226 4.87 8.63 22.61
C THR C 226 5.20 10.11 22.74
N SER C 227 5.21 10.60 23.98
CA SER C 227 5.56 11.98 24.26
C SER C 227 6.75 11.94 25.20
N THR C 228 7.69 12.84 24.99
CA THR C 228 8.86 12.91 25.85
C THR C 228 9.05 14.35 26.26
N LEU C 229 9.08 14.56 27.57
CA LEU C 229 9.25 15.89 28.13
C LEU C 229 10.60 15.96 28.81
N ILE C 230 11.43 16.90 28.39
CA ILE C 230 12.74 17.06 29.00
C ILE C 230 12.52 17.72 30.37
N THR C 231 12.98 17.05 31.43
CA THR C 231 12.82 17.58 32.77
C THR C 231 14.15 18.13 33.28
N THR C 232 14.83 18.90 32.45
CA THR C 232 16.12 19.48 32.81
C THR C 232 16.57 20.51 31.77
N ALA D 1 -23.39 -14.61 -23.94
CA ALA D 1 -22.90 -15.37 -22.74
C ALA D 1 -23.73 -15.05 -21.51
N GLU D 2 -23.68 -15.95 -20.53
CA GLU D 2 -24.43 -15.80 -19.29
C GLU D 2 -23.48 -15.25 -18.22
N THR D 3 -23.68 -13.99 -17.83
CA THR D 3 -22.82 -13.39 -16.82
C THR D 3 -23.53 -13.05 -15.52
N VAL D 4 -22.87 -13.39 -14.41
CA VAL D 4 -23.38 -13.08 -13.09
C VAL D 4 -22.34 -12.15 -12.49
N SER D 5 -22.79 -10.98 -12.04
CA SER D 5 -21.88 -10.01 -11.46
C SER D 5 -22.53 -9.30 -10.30
N PHE D 6 -21.76 -9.07 -9.24
CA PHE D 6 -22.24 -8.36 -8.07
C PHE D 6 -21.05 -7.73 -7.36
N ASN D 7 -21.33 -6.72 -6.56
CA ASN D 7 -20.29 -6.02 -5.84
C ASN D 7 -20.80 -5.60 -4.46
N PHE D 8 -20.03 -5.88 -3.42
CA PHE D 8 -20.42 -5.53 -2.06
C PHE D 8 -19.32 -4.76 -1.36
N ASN D 9 -19.58 -3.49 -1.04
CA ASN D 9 -18.59 -2.68 -0.32
C ASN D 9 -18.92 -2.62 1.16
N SER D 10 -20.05 -3.24 1.51
CA SER D 10 -20.51 -3.33 2.88
C SER D 10 -21.74 -4.21 2.85
N PHE D 11 -21.98 -4.91 3.94
CA PHE D 11 -23.12 -5.82 4.01
C PHE D 11 -24.11 -5.38 5.08
N SER D 12 -25.28 -6.01 5.07
CA SER D 12 -26.31 -5.69 6.05
C SER D 12 -27.17 -6.91 6.27
N GLU D 13 -27.44 -7.22 7.54
CA GLU D 13 -28.28 -8.36 7.86
C GLU D 13 -29.65 -7.95 7.33
N GLY D 14 -30.33 -8.85 6.64
CA GLY D 14 -31.62 -8.51 6.09
C GLY D 14 -31.57 -8.35 4.59
N ASN D 15 -30.36 -8.26 4.04
CA ASN D 15 -30.20 -8.15 2.59
C ASN D 15 -30.45 -9.55 2.06
N PRO D 16 -31.56 -9.75 1.32
CA PRO D 16 -31.92 -11.06 0.77
C PRO D 16 -30.86 -11.71 -0.14
N ALA D 17 -30.04 -10.88 -0.78
CA ALA D 17 -29.00 -11.37 -1.69
C ALA D 17 -27.89 -12.15 -0.99
N ILE D 18 -28.04 -12.37 0.32
CA ILE D 18 -27.03 -13.10 1.06
C ILE D 18 -27.57 -14.07 2.10
N ASN D 19 -27.04 -15.28 2.10
CA ASN D 19 -27.43 -16.32 3.04
C ASN D 19 -26.48 -16.29 4.22
N PHE D 20 -27.04 -16.23 5.42
CA PHE D 20 -26.24 -16.20 6.64
C PHE D 20 -26.40 -17.52 7.35
N GLN D 21 -25.29 -18.21 7.55
CA GLN D 21 -25.35 -19.50 8.22
C GLN D 21 -24.48 -19.52 9.46
N GLY D 22 -25.01 -20.08 10.53
CA GLY D 22 -24.24 -20.18 11.76
C GLY D 22 -24.12 -18.92 12.58
N ASP D 23 -22.96 -18.78 13.22
CA ASP D 23 -22.69 -17.64 14.08
C ASP D 23 -22.37 -16.33 13.37
N VAL D 24 -22.55 -16.28 12.06
CA VAL D 24 -22.26 -15.05 11.34
C VAL D 24 -23.06 -13.89 11.92
N THR D 25 -22.50 -12.69 11.84
CA THR D 25 -23.15 -11.49 12.34
C THR D 25 -22.63 -10.31 11.53
N VAL D 26 -23.45 -9.29 11.37
CA VAL D 26 -23.04 -8.11 10.61
C VAL D 26 -22.82 -6.94 11.56
N LEU D 27 -21.63 -6.36 11.50
CA LEU D 27 -21.30 -5.24 12.37
C LEU D 27 -21.86 -3.93 11.80
N SER D 28 -22.09 -2.98 12.70
CA SER D 28 -22.63 -1.68 12.32
C SER D 28 -21.73 -0.94 11.33
N ASN D 29 -20.56 -1.50 11.04
CA ASN D 29 -19.65 -0.88 10.09
C ASN D 29 -19.74 -1.56 8.72
N GLY D 30 -20.64 -2.52 8.61
CA GLY D 30 -20.82 -3.23 7.34
C GLY D 30 -19.99 -4.47 7.17
N ASN D 31 -19.03 -4.68 8.08
CA ASN D 31 -18.18 -5.87 8.01
C ASN D 31 -18.94 -7.11 8.42
N ILE D 32 -18.64 -8.21 7.76
CA ILE D 32 -19.27 -9.47 8.13
C ILE D 32 -18.30 -10.17 9.07
N GLN D 33 -18.76 -10.46 10.28
CA GLN D 33 -17.93 -11.18 11.24
C GLN D 33 -18.45 -12.61 11.24
N LEU D 34 -17.63 -13.51 10.72
CA LEU D 34 -17.99 -14.92 10.59
C LEU D 34 -18.19 -15.70 11.88
N THR D 35 -17.23 -15.67 12.80
CA THR D 35 -17.39 -16.40 14.06
C THR D 35 -17.70 -15.53 15.27
N ASN D 36 -18.28 -16.18 16.28
CA ASN D 36 -18.66 -15.55 17.55
C ASN D 36 -17.52 -15.80 18.53
N LEU D 37 -16.89 -14.74 19.02
CA LEU D 37 -15.77 -14.91 19.94
C LEU D 37 -16.13 -15.63 21.25
N ASN D 38 -17.40 -15.64 21.60
CA ASN D 38 -17.82 -16.27 22.85
C ASN D 38 -18.23 -17.75 22.74
N LYS D 39 -18.56 -18.21 21.55
CA LYS D 39 -18.97 -19.60 21.37
C LYS D 39 -17.81 -20.57 21.16
N VAL D 40 -17.99 -21.78 21.69
CA VAL D 40 -17.01 -22.84 21.55
C VAL D 40 -17.27 -23.47 20.19
N ASN D 41 -16.20 -23.83 19.47
CA ASN D 41 -16.34 -24.43 18.15
C ASN D 41 -17.30 -23.62 17.28
N SER D 42 -17.11 -22.31 17.23
CA SER D 42 -17.97 -21.46 16.42
C SER D 42 -17.73 -21.62 14.92
N VAL D 43 -18.81 -21.55 14.16
CA VAL D 43 -18.75 -21.66 12.71
C VAL D 43 -19.75 -20.68 12.12
N GLY D 44 -19.26 -19.85 11.20
CA GLY D 44 -20.11 -18.88 10.55
C GLY D 44 -19.79 -18.84 9.08
N ARG D 45 -20.82 -18.79 8.24
CA ARG D 45 -20.62 -18.77 6.80
C ARG D 45 -21.55 -17.80 6.12
N VAL D 46 -21.09 -17.24 5.01
CA VAL D 46 -21.89 -16.32 4.24
C VAL D 46 -21.84 -16.78 2.79
N LEU D 47 -22.99 -16.85 2.15
CA LEU D 47 -23.07 -17.28 0.75
C LEU D 47 -23.87 -16.29 -0.07
N TYR D 48 -23.50 -16.12 -1.33
CA TYR D 48 -24.29 -15.26 -2.20
C TYR D 48 -25.57 -16.09 -2.40
N ALA D 49 -26.73 -15.50 -2.11
CA ALA D 49 -28.01 -16.24 -2.19
C ALA D 49 -28.34 -16.85 -3.54
N MET D 50 -27.97 -16.17 -4.62
CA MET D 50 -28.26 -16.67 -5.95
C MET D 50 -27.25 -17.72 -6.43
N PRO D 51 -27.73 -18.93 -6.72
CA PRO D 51 -26.80 -19.96 -7.18
C PRO D 51 -26.26 -19.60 -8.56
N VAL D 52 -25.01 -19.96 -8.81
CA VAL D 52 -24.38 -19.66 -10.07
C VAL D 52 -24.17 -20.93 -10.89
N ARG D 53 -24.42 -20.81 -12.19
CA ARG D 53 -24.22 -21.94 -13.10
C ARG D 53 -22.77 -21.88 -13.56
N ILE D 54 -21.91 -22.69 -12.96
CA ILE D 54 -20.50 -22.70 -13.34
C ILE D 54 -20.16 -23.54 -14.55
N TRP D 55 -21.11 -24.34 -15.01
CA TRP D 55 -20.89 -25.14 -16.22
C TRP D 55 -22.20 -25.60 -16.83
N SER D 56 -22.20 -25.74 -18.15
CA SER D 56 -23.40 -26.18 -18.87
C SER D 56 -23.28 -27.65 -19.20
N SER D 57 -24.32 -28.41 -18.87
CA SER D 57 -24.35 -29.84 -19.13
C SER D 57 -24.63 -30.07 -20.60
N ALA D 58 -25.19 -29.06 -21.26
CA ALA D 58 -25.52 -29.16 -22.67
C ALA D 58 -24.30 -28.92 -23.56
N THR D 59 -23.47 -27.95 -23.18
CA THR D 59 -22.28 -27.59 -23.97
C THR D 59 -20.99 -28.17 -23.39
N GLY D 60 -21.01 -28.49 -22.10
CA GLY D 60 -19.82 -29.03 -21.47
C GLY D 60 -18.84 -27.92 -21.15
N ASN D 61 -19.29 -26.67 -21.30
CA ASN D 61 -18.46 -25.51 -21.03
C ASN D 61 -18.48 -25.13 -19.55
N VAL D 62 -17.31 -24.77 -19.04
CA VAL D 62 -17.17 -24.34 -17.67
C VAL D 62 -17.04 -22.82 -17.71
N ALA D 63 -17.52 -22.14 -16.66
CA ALA D 63 -17.46 -20.69 -16.63
C ALA D 63 -16.11 -20.20 -16.11
N SER D 64 -15.76 -18.98 -16.52
CA SER D 64 -14.53 -18.34 -16.06
C SER D 64 -15.05 -17.33 -15.05
N PHE D 65 -14.30 -17.09 -13.99
CA PHE D 65 -14.74 -16.08 -13.04
C PHE D 65 -13.60 -15.28 -12.48
N LEU D 66 -13.94 -14.04 -12.12
CA LEU D 66 -12.98 -13.10 -11.54
C LEU D 66 -13.63 -12.60 -10.27
N THR D 67 -12.95 -12.77 -9.15
CA THR D 67 -13.49 -12.30 -7.90
C THR D 67 -12.37 -11.75 -7.05
N SER D 68 -12.68 -10.69 -6.30
CA SER D 68 -11.71 -10.11 -5.41
C SER D 68 -12.47 -9.77 -4.12
N PHE D 69 -11.79 -9.89 -3.00
CA PHE D 69 -12.42 -9.61 -1.73
C PHE D 69 -11.35 -9.21 -0.75
N SER D 70 -11.76 -8.57 0.34
CA SER D 70 -10.81 -8.17 1.35
C SER D 70 -11.31 -8.68 2.69
N PHE D 71 -10.38 -9.14 3.52
CA PHE D 71 -10.75 -9.64 4.83
C PHE D 71 -9.77 -9.16 5.86
N GLU D 72 -10.11 -9.40 7.12
CA GLU D 72 -9.25 -9.01 8.21
C GLU D 72 -9.40 -10.03 9.31
N MET D 73 -8.26 -10.46 9.85
CA MET D 73 -8.27 -11.39 10.95
C MET D 73 -7.49 -10.71 12.05
N LYS D 74 -8.03 -10.77 13.27
CA LYS D 74 -7.35 -10.14 14.38
C LYS D 74 -7.35 -11.03 15.61
N ASP D 75 -6.24 -10.95 16.35
CA ASP D 75 -6.06 -11.72 17.56
C ASP D 75 -6.94 -11.14 18.66
N ILE D 76 -7.34 -11.99 19.60
CA ILE D 76 -8.12 -11.56 20.74
C ILE D 76 -7.44 -12.17 21.94
N LYS D 77 -7.38 -11.39 23.02
CA LYS D 77 -6.75 -11.79 24.27
C LYS D 77 -7.05 -13.22 24.72
N ASP D 78 -5.92 -13.91 24.98
CA ASP D 78 -5.75 -15.30 25.44
C ASP D 78 -6.21 -16.46 24.56
N TYR D 79 -6.53 -16.23 23.30
CA TYR D 79 -6.95 -17.34 22.43
C TYR D 79 -5.96 -17.46 21.27
N ASP D 80 -5.72 -18.69 20.82
CA ASP D 80 -4.81 -18.88 19.69
C ASP D 80 -5.54 -18.33 18.47
N PRO D 81 -4.84 -17.53 17.64
CA PRO D 81 -5.47 -16.98 16.43
C PRO D 81 -5.76 -18.16 15.49
N ALA D 82 -6.96 -18.71 15.59
CA ALA D 82 -7.37 -19.86 14.77
C ALA D 82 -8.78 -19.65 14.24
N ASP D 83 -9.21 -20.37 13.20
CA ASP D 83 -8.42 -21.39 12.49
C ASP D 83 -8.13 -20.93 11.06
N GLY D 84 -8.84 -19.88 10.71
CA GLY D 84 -8.85 -19.21 9.43
C GLY D 84 -10.16 -18.99 8.67
N ILE D 85 -9.98 -18.47 7.46
CA ILE D 85 -11.09 -18.17 6.56
C ILE D 85 -10.93 -18.94 5.24
N ILE D 86 -12.05 -19.33 4.66
CA ILE D 86 -12.03 -20.05 3.40
C ILE D 86 -13.07 -19.52 2.43
N PHE D 87 -12.63 -19.24 1.22
CA PHE D 87 -13.50 -18.77 0.15
C PHE D 87 -13.85 -20.07 -0.53
N PHE D 88 -15.12 -20.43 -0.55
CA PHE D 88 -15.49 -21.69 -1.16
C PHE D 88 -16.63 -21.68 -2.15
N ILE D 89 -16.70 -22.77 -2.89
CA ILE D 89 -17.71 -23.00 -3.90
C ILE D 89 -18.28 -24.36 -3.49
N ALA D 90 -19.60 -24.44 -3.40
CA ALA D 90 -20.23 -25.68 -2.99
C ALA D 90 -21.60 -25.82 -3.62
N PRO D 91 -22.22 -27.02 -3.51
CA PRO D 91 -23.56 -27.25 -4.07
C PRO D 91 -24.51 -26.21 -3.52
N GLU D 92 -25.50 -25.82 -4.31
CA GLU D 92 -26.45 -24.78 -3.89
C GLU D 92 -27.23 -25.05 -2.60
N ASP D 93 -27.26 -26.29 -2.14
CA ASP D 93 -28.00 -26.62 -0.92
C ASP D 93 -27.05 -26.80 0.27
N THR D 94 -25.80 -26.37 0.09
CA THR D 94 -24.79 -26.48 1.14
C THR D 94 -25.20 -25.84 2.46
N GLN D 95 -24.84 -26.53 3.54
CA GLN D 95 -25.14 -26.06 4.90
C GLN D 95 -23.94 -26.44 5.74
N ILE D 96 -23.85 -25.86 6.93
CA ILE D 96 -22.75 -26.20 7.82
C ILE D 96 -22.94 -27.67 8.18
N PRO D 97 -21.88 -28.48 8.05
CA PRO D 97 -21.95 -29.92 8.36
C PRO D 97 -22.62 -30.19 9.72
N ALA D 98 -23.45 -31.23 9.78
CA ALA D 98 -24.15 -31.56 11.02
C ALA D 98 -23.14 -31.89 12.11
N GLY D 99 -23.31 -31.29 13.29
CA GLY D 99 -22.39 -31.53 14.39
C GLY D 99 -20.97 -31.09 14.11
N SER D 100 -20.82 -30.01 13.35
CA SER D 100 -19.50 -29.48 13.01
C SER D 100 -18.71 -29.12 14.26
N ILE D 101 -17.44 -29.52 14.29
CA ILE D 101 -16.56 -29.24 15.41
C ILE D 101 -15.78 -27.96 15.17
N GLY D 102 -16.13 -27.24 14.11
CA GLY D 102 -15.41 -26.02 13.78
C GLY D 102 -13.93 -26.30 13.66
N GLY D 103 -13.11 -25.48 14.31
CA GLY D 103 -11.67 -25.69 14.26
C GLY D 103 -11.07 -25.81 12.88
N GLY D 104 -10.23 -26.83 12.69
CA GLY D 104 -9.57 -27.03 11.41
C GLY D 104 -10.44 -27.40 10.23
N THR D 105 -11.72 -27.67 10.48
CA THR D 105 -12.63 -28.03 9.40
C THR D 105 -13.03 -26.77 8.64
N LEU D 106 -12.73 -25.62 9.23
CA LEU D 106 -13.04 -24.32 8.62
C LEU D 106 -14.54 -24.16 8.29
N GLY D 107 -15.38 -24.96 8.93
CA GLY D 107 -16.81 -24.88 8.71
C GLY D 107 -17.34 -25.46 7.41
N VAL D 108 -16.50 -26.17 6.67
CA VAL D 108 -16.93 -26.74 5.40
C VAL D 108 -16.79 -28.26 5.30
N SER D 109 -16.17 -28.89 6.29
CA SER D 109 -15.99 -30.33 6.22
C SER D 109 -16.39 -31.08 7.48
N ASP D 110 -16.40 -32.40 7.38
CA ASP D 110 -16.73 -33.24 8.53
C ASP D 110 -15.45 -33.35 9.35
N THR D 111 -15.49 -34.21 10.37
CA THR D 111 -14.35 -34.40 11.26
C THR D 111 -13.12 -34.96 10.56
N LYS D 112 -13.34 -35.76 9.52
CA LYS D 112 -12.25 -36.35 8.77
C LYS D 112 -11.62 -35.31 7.85
N GLY D 113 -12.30 -34.17 7.69
CA GLY D 113 -11.78 -33.12 6.83
C GLY D 113 -12.30 -33.22 5.41
N ALA D 114 -13.33 -34.03 5.22
CA ALA D 114 -13.92 -34.23 3.91
C ALA D 114 -15.20 -33.43 3.79
N GLY D 115 -15.53 -33.05 2.56
CA GLY D 115 -16.75 -32.29 2.30
C GLY D 115 -16.92 -32.11 0.81
N HIS D 116 -18.00 -31.45 0.40
CA HIS D 116 -18.21 -31.25 -1.01
C HIS D 116 -18.07 -29.76 -1.29
N PHE D 117 -16.87 -29.39 -1.76
CA PHE D 117 -16.58 -28.00 -2.03
C PHE D 117 -15.21 -27.82 -2.67
N VAL D 118 -14.99 -26.64 -3.21
CA VAL D 118 -13.72 -26.27 -3.79
C VAL D 118 -13.48 -24.89 -3.19
N GLY D 119 -12.28 -24.63 -2.70
CA GLY D 119 -12.04 -23.34 -2.13
C GLY D 119 -10.60 -22.97 -1.88
N VAL D 120 -10.41 -21.72 -1.50
CA VAL D 120 -9.12 -21.16 -1.18
C VAL D 120 -9.17 -20.84 0.31
N GLU D 121 -8.33 -21.51 1.07
CA GLU D 121 -8.31 -21.28 2.51
C GLU D 121 -7.13 -20.41 2.92
N PHE D 122 -7.38 -19.59 3.93
CA PHE D 122 -6.38 -18.70 4.51
C PHE D 122 -6.28 -19.25 5.93
N ASP D 123 -5.50 -20.31 6.04
CA ASP D 123 -5.28 -21.06 7.27
C ASP D 123 -4.26 -20.49 8.24
N THR D 124 -4.70 -20.19 9.45
CA THR D 124 -3.81 -19.60 10.45
C THR D 124 -3.43 -20.50 11.61
N TYR D 125 -3.76 -21.78 11.53
CA TYR D 125 -3.41 -22.71 12.58
C TYR D 125 -3.09 -24.04 11.90
N SER D 126 -2.02 -24.68 12.35
CA SER D 126 -1.57 -25.93 11.74
C SER D 126 -2.18 -27.20 12.34
N ASN D 127 -3.14 -27.79 11.62
CA ASN D 127 -3.80 -29.03 12.05
C ASN D 127 -3.11 -30.24 11.45
N SER D 128 -2.32 -30.95 12.26
CA SER D 128 -1.62 -32.13 11.78
C SER D 128 -2.58 -33.19 11.28
N GLU D 129 -3.78 -33.24 11.86
CA GLU D 129 -4.78 -34.23 11.43
C GLU D 129 -5.18 -34.04 9.97
N TYR D 130 -5.00 -32.83 9.44
CA TYR D 130 -5.35 -32.56 8.05
C TYR D 130 -4.11 -32.28 7.21
N ASN D 131 -2.96 -32.77 7.68
CA ASN D 131 -1.68 -32.62 7.01
C ASN D 131 -1.36 -31.17 6.66
N ASP D 132 -1.59 -30.27 7.59
CA ASP D 132 -1.31 -28.86 7.38
C ASP D 132 0.17 -28.55 7.40
N PRO D 133 0.59 -27.51 6.67
CA PRO D 133 2.01 -27.16 6.69
C PRO D 133 2.25 -26.61 8.10
N PRO D 134 3.51 -26.51 8.52
CA PRO D 134 3.80 -25.99 9.87
C PRO D 134 3.53 -24.52 10.12
N THR D 135 3.29 -23.76 9.06
CA THR D 135 3.06 -22.32 9.20
C THR D 135 1.72 -21.88 8.63
N ASP D 136 1.40 -20.61 8.80
CA ASP D 136 0.15 -20.08 8.24
C ASP D 136 0.31 -20.28 6.75
N HIS D 137 -0.80 -20.48 6.06
CA HIS D 137 -0.71 -20.72 4.64
C HIS D 137 -2.02 -20.48 3.90
N VAL D 138 -1.88 -20.40 2.59
CA VAL D 138 -3.01 -20.24 1.70
C VAL D 138 -3.02 -21.60 1.01
N GLY D 139 -4.18 -22.23 0.96
CA GLY D 139 -4.25 -23.52 0.32
C GLY D 139 -5.40 -23.66 -0.64
N ILE D 140 -5.24 -24.54 -1.62
CA ILE D 140 -6.30 -24.80 -2.58
C ILE D 140 -6.95 -26.09 -2.09
N ASP D 141 -8.23 -26.03 -1.76
CA ASP D 141 -8.93 -27.20 -1.27
C ASP D 141 -9.93 -27.79 -2.27
N VAL D 142 -9.88 -29.10 -2.43
CA VAL D 142 -10.80 -29.79 -3.33
C VAL D 142 -11.43 -30.92 -2.52
N ASN D 143 -12.66 -30.68 -2.06
CA ASN D 143 -13.43 -31.64 -1.28
C ASN D 143 -12.73 -32.13 -0.02
N SER D 144 -11.78 -31.34 0.48
CA SER D 144 -11.05 -31.71 1.67
C SER D 144 -10.21 -30.54 2.15
N VAL D 145 -10.04 -30.41 3.46
CA VAL D 145 -9.23 -29.34 4.02
C VAL D 145 -7.77 -29.77 4.00
N ASP D 146 -7.53 -31.00 3.54
CA ASP D 146 -6.18 -31.52 3.40
C ASP D 146 -5.83 -30.99 2.01
N SER D 147 -5.33 -29.77 1.97
CA SER D 147 -5.01 -29.09 0.71
C SER D 147 -4.28 -29.87 -0.36
N VAL D 148 -4.74 -29.64 -1.59
CA VAL D 148 -4.16 -30.25 -2.75
C VAL D 148 -2.84 -29.54 -2.95
N LYS D 149 -2.79 -28.29 -2.53
CA LYS D 149 -1.60 -27.48 -2.66
C LYS D 149 -1.64 -26.30 -1.71
N THR D 150 -0.49 -25.96 -1.13
CA THR D 150 -0.42 -24.84 -0.21
C THR D 150 0.85 -24.04 -0.48
N VAL D 151 0.85 -22.82 0.02
CA VAL D 151 1.99 -21.94 -0.11
C VAL D 151 2.12 -21.24 1.23
N PRO D 152 3.37 -21.03 1.69
CA PRO D 152 3.55 -20.36 2.98
C PRO D 152 2.97 -18.95 2.93
N TRP D 153 2.36 -18.54 4.04
CA TRP D 153 1.76 -17.22 4.12
C TRP D 153 1.90 -16.74 5.56
N ASN D 154 1.61 -15.47 5.77
CA ASN D 154 1.70 -14.90 7.11
C ASN D 154 0.47 -14.06 7.43
N SER D 155 -0.29 -14.49 8.43
CA SER D 155 -1.49 -13.77 8.84
C SER D 155 -1.12 -12.70 9.86
N VAL D 156 -1.27 -11.45 9.48
CA VAL D 156 -0.95 -10.33 10.33
C VAL D 156 -2.21 -9.82 11.00
N SER D 157 -2.21 -9.81 12.33
CA SER D 157 -3.37 -9.36 13.11
C SER D 157 -3.73 -7.92 12.81
N GLY D 158 -5.03 -7.68 12.59
CA GLY D 158 -5.50 -6.34 12.31
C GLY D 158 -5.18 -5.81 10.92
N ALA D 159 -4.51 -6.62 10.11
CA ALA D 159 -4.17 -6.18 8.76
C ALA D 159 -5.27 -6.50 7.74
N VAL D 160 -5.49 -5.57 6.82
CA VAL D 160 -6.49 -5.81 5.78
C VAL D 160 -5.78 -6.50 4.63
N VAL D 161 -6.30 -7.66 4.24
CA VAL D 161 -5.71 -8.42 3.16
C VAL D 161 -6.62 -8.38 1.95
N LYS D 162 -6.02 -8.15 0.78
CA LYS D 162 -6.77 -8.12 -0.47
C LYS D 162 -6.44 -9.37 -1.24
N VAL D 163 -7.46 -10.00 -1.81
CA VAL D 163 -7.27 -11.23 -2.55
C VAL D 163 -7.97 -11.14 -3.90
N THR D 164 -7.27 -11.56 -4.95
CA THR D 164 -7.84 -11.58 -6.28
C THR D 164 -7.76 -13.02 -6.76
N VAL D 165 -8.87 -13.51 -7.30
CA VAL D 165 -8.93 -14.88 -7.79
C VAL D 165 -9.43 -14.93 -9.22
N ILE D 166 -8.67 -15.62 -10.08
CA ILE D 166 -9.06 -15.76 -11.48
C ILE D 166 -9.20 -17.24 -11.80
N TYR D 167 -10.31 -17.60 -12.42
CA TYR D 167 -10.50 -18.97 -12.84
C TYR D 167 -10.68 -18.93 -14.34
N ASP D 168 -9.74 -19.54 -15.06
CA ASP D 168 -9.78 -19.60 -16.51
C ASP D 168 -10.39 -20.93 -16.93
N SER D 169 -11.60 -20.89 -17.49
CA SER D 169 -12.30 -22.10 -17.90
C SER D 169 -11.51 -22.98 -18.87
N SER D 170 -10.90 -22.37 -19.87
CA SER D 170 -10.15 -23.12 -20.85
C SER D 170 -9.07 -24.00 -20.24
N THR D 171 -8.24 -23.42 -19.37
CA THR D 171 -7.18 -24.19 -18.75
C THR D 171 -7.59 -24.84 -17.45
N LYS D 172 -8.79 -24.51 -16.97
CA LYS D 172 -9.30 -25.05 -15.71
C LYS D 172 -8.32 -24.66 -14.59
N THR D 173 -7.66 -23.53 -14.78
CA THR D 173 -6.69 -23.04 -13.82
C THR D 173 -7.26 -22.06 -12.82
N LEU D 174 -6.97 -22.30 -11.54
CA LEU D 174 -7.42 -21.43 -10.47
C LEU D 174 -6.17 -20.74 -9.90
N SER D 175 -6.08 -19.42 -10.06
CA SER D 175 -4.93 -18.69 -9.52
C SER D 175 -5.38 -17.62 -8.56
N VAL D 176 -4.64 -17.51 -7.47
CA VAL D 176 -4.94 -16.57 -6.42
C VAL D 176 -3.77 -15.62 -6.15
N ALA D 177 -4.08 -14.36 -5.96
CA ALA D 177 -3.06 -13.37 -5.67
C ALA D 177 -3.47 -12.73 -4.36
N VAL D 178 -2.61 -12.85 -3.35
CA VAL D 178 -2.89 -12.28 -2.05
C VAL D 178 -1.97 -11.09 -1.83
N THR D 179 -2.56 -9.92 -1.54
CA THR D 179 -1.76 -8.74 -1.29
C THR D 179 -1.79 -8.47 0.20
N ASN D 180 -0.67 -8.74 0.88
CA ASN D 180 -0.59 -8.52 2.31
C ASN D 180 -0.51 -7.05 2.64
N ASP D 181 -0.59 -6.74 3.93
CA ASP D 181 -0.56 -5.36 4.41
C ASP D 181 0.69 -4.61 3.97
N ASN D 182 1.84 -5.26 4.10
CA ASN D 182 3.11 -4.64 3.75
C ASN D 182 3.38 -4.51 2.24
N GLY D 183 2.40 -4.82 1.40
CA GLY D 183 2.58 -4.69 -0.04
C GLY D 183 3.05 -5.93 -0.79
N ASP D 184 3.60 -6.91 -0.10
CA ASP D 184 4.04 -8.14 -0.77
C ASP D 184 2.84 -8.97 -1.24
N ILE D 185 3.03 -9.72 -2.32
CA ILE D 185 1.98 -10.56 -2.83
C ILE D 185 2.41 -12.01 -2.71
N THR D 186 1.43 -12.87 -2.54
CA THR D 186 1.66 -14.30 -2.42
C THR D 186 0.71 -14.91 -3.43
N THR D 187 1.21 -15.79 -4.28
CA THR D 187 0.34 -16.40 -5.26
C THR D 187 0.38 -17.91 -5.15
N ILE D 188 -0.66 -18.54 -5.68
CA ILE D 188 -0.78 -19.99 -5.72
C ILE D 188 -1.83 -20.26 -6.77
N ALA D 189 -1.52 -21.21 -7.65
CA ALA D 189 -2.42 -21.57 -8.74
C ALA D 189 -2.52 -23.10 -8.75
N GLN D 190 -3.61 -23.60 -9.31
CA GLN D 190 -3.82 -25.03 -9.36
C GLN D 190 -4.88 -25.37 -10.37
N VAL D 191 -4.62 -26.37 -11.20
CA VAL D 191 -5.62 -26.79 -12.18
C VAL D 191 -6.70 -27.55 -11.39
N VAL D 192 -7.95 -27.13 -11.56
CA VAL D 192 -9.06 -27.78 -10.87
C VAL D 192 -10.22 -27.86 -11.84
N ASP D 193 -10.65 -29.07 -12.16
CA ASP D 193 -11.76 -29.24 -13.07
C ASP D 193 -13.06 -28.99 -12.31
N LEU D 194 -13.61 -27.79 -12.43
CA LEU D 194 -14.83 -27.48 -11.71
C LEU D 194 -16.02 -28.37 -12.06
N LYS D 195 -16.17 -28.69 -13.34
CA LYS D 195 -17.28 -29.54 -13.74
C LYS D 195 -17.18 -30.95 -13.17
N ALA D 196 -15.97 -31.46 -13.02
CA ALA D 196 -15.80 -32.81 -12.48
C ALA D 196 -15.99 -32.86 -10.97
N LYS D 197 -15.85 -31.72 -10.30
CA LYS D 197 -15.96 -31.71 -8.84
C LYS D 197 -17.24 -31.16 -8.24
N LEU D 198 -17.92 -30.28 -8.96
CA LEU D 198 -19.14 -29.66 -8.44
C LEU D 198 -20.32 -29.79 -9.37
N PRO D 199 -21.54 -29.61 -8.84
CA PRO D 199 -22.75 -29.72 -9.65
C PRO D 199 -22.92 -28.48 -10.55
N GLU D 200 -23.86 -28.53 -11.48
CA GLU D 200 -24.09 -27.42 -12.41
C GLU D 200 -24.24 -26.08 -11.73
N ARG D 201 -25.04 -26.06 -10.66
CA ARG D 201 -25.30 -24.83 -9.94
C ARG D 201 -24.67 -24.90 -8.56
N VAL D 202 -23.94 -23.85 -8.23
CA VAL D 202 -23.26 -23.78 -6.95
C VAL D 202 -23.49 -22.43 -6.31
N LYS D 203 -23.00 -22.31 -5.08
CA LYS D 203 -23.07 -21.08 -4.34
C LYS D 203 -21.65 -20.72 -3.92
N PHE D 204 -21.36 -19.43 -3.90
CA PHE D 204 -20.06 -18.95 -3.49
C PHE D 204 -20.25 -18.30 -2.15
N GLY D 205 -19.22 -18.33 -1.32
CA GLY D 205 -19.33 -17.72 -0.01
C GLY D 205 -18.07 -17.84 0.78
N PHE D 206 -18.15 -17.45 2.04
CA PHE D 206 -16.99 -17.51 2.92
C PHE D 206 -17.37 -18.26 4.18
N SER D 207 -16.36 -18.81 4.85
CA SER D 207 -16.58 -19.55 6.06
C SER D 207 -15.33 -19.42 6.93
N ALA D 208 -15.53 -19.50 8.23
CA ALA D 208 -14.45 -19.44 9.19
C ALA D 208 -14.94 -20.19 10.41
N SER D 209 -14.01 -20.61 11.26
CA SER D 209 -14.39 -21.35 12.45
C SER D 209 -13.36 -21.20 13.53
N GLY D 210 -13.75 -21.63 14.73
CA GLY D 210 -12.85 -21.58 15.86
C GLY D 210 -13.06 -22.86 16.64
N SER D 211 -12.26 -23.05 17.68
CA SER D 211 -12.38 -24.23 18.53
C SER D 211 -12.67 -23.71 19.94
N LEU D 212 -12.23 -24.44 20.96
CA LEU D 212 -12.45 -23.99 22.33
C LEU D 212 -11.35 -22.99 22.65
N GLY D 213 -10.10 -23.38 22.39
CA GLY D 213 -8.97 -22.51 22.66
C GLY D 213 -8.52 -21.64 21.50
N GLY D 214 -8.97 -21.97 20.29
CA GLY D 214 -8.59 -21.19 19.13
C GLY D 214 -9.72 -20.29 18.68
N ARG D 215 -9.50 -18.99 18.77
CA ARG D 215 -10.52 -18.03 18.37
C ARG D 215 -9.85 -16.75 17.93
N GLN D 216 -10.43 -16.09 16.96
CA GLN D 216 -9.89 -14.83 16.48
C GLN D 216 -11.01 -14.14 15.71
N ILE D 217 -10.76 -12.89 15.34
CA ILE D 217 -11.74 -12.12 14.59
C ILE D 217 -11.59 -12.41 13.09
N HIS D 218 -12.67 -12.86 12.47
CA HIS D 218 -12.70 -13.14 11.04
C HIS D 218 -13.68 -12.17 10.42
N LEU D 219 -13.18 -11.26 9.59
CA LEU D 219 -14.04 -10.27 8.96
C LEU D 219 -13.92 -10.22 7.45
N ILE D 220 -15.06 -10.13 6.77
CA ILE D 220 -15.06 -9.98 5.32
C ILE D 220 -15.45 -8.52 5.21
N ARG D 221 -14.61 -7.73 4.53
CA ARG D 221 -14.87 -6.31 4.40
C ARG D 221 -15.59 -5.94 3.10
N SER D 222 -15.21 -6.59 2.01
CA SER D 222 -15.82 -6.31 0.72
C SER D 222 -15.70 -7.54 -0.16
N TRP D 223 -16.38 -7.51 -1.31
CA TRP D 223 -16.36 -8.65 -2.22
C TRP D 223 -17.05 -8.34 -3.54
N SER D 224 -16.28 -8.41 -4.63
CA SER D 224 -16.82 -8.17 -5.97
C SER D 224 -16.66 -9.49 -6.69
N PHE D 225 -17.57 -9.78 -7.61
CA PHE D 225 -17.52 -11.05 -8.30
C PHE D 225 -18.16 -11.00 -9.68
N THR D 226 -17.54 -11.70 -10.63
CA THR D 226 -18.06 -11.77 -11.99
C THR D 226 -17.75 -13.13 -12.59
N SER D 227 -18.78 -13.78 -13.11
CA SER D 227 -18.61 -15.07 -13.76
C SER D 227 -19.27 -14.96 -15.12
N THR D 228 -18.63 -15.55 -16.11
CA THR D 228 -19.15 -15.55 -17.49
C THR D 228 -19.07 -16.99 -18.00
N LEU D 229 -20.22 -17.51 -18.41
CA LEU D 229 -20.31 -18.86 -18.94
C LEU D 229 -20.70 -18.75 -20.41
N ILE D 230 -19.88 -19.33 -21.28
CA ILE D 230 -20.19 -19.31 -22.71
C ILE D 230 -21.27 -20.36 -22.98
N THR D 231 -22.39 -19.92 -23.52
CA THR D 231 -23.52 -20.80 -23.81
C THR D 231 -23.71 -20.94 -25.32
N THR D 232 -22.67 -21.39 -26.02
CA THR D 232 -22.75 -21.56 -27.46
C THR D 232 -21.48 -22.24 -27.99
C1 GLC E . -1.87 -0.84 -47.68
C2 GLC E . -2.61 -0.10 -46.56
C3 GLC E . -2.06 -0.53 -45.19
C4 GLC E . -2.09 -2.05 -45.07
C5 GLC E . -1.34 -2.69 -46.24
C6 GLC E . -1.38 -4.20 -46.21
O1 GLC E . -0.53 -0.47 -47.69
O2 GLC E . -2.43 1.30 -46.72
O3 GLC E . -2.84 0.05 -44.16
O4 GLC E . -1.49 -2.44 -43.82
O5 GLC E . -1.94 -2.26 -47.49
O6 GLC E . -2.71 -4.66 -46.00
C1 GAL E . -2.30 -3.14 -42.94
C2 GAL E . -1.46 -3.58 -41.74
C3 GAL E . -2.34 -4.22 -40.66
C4 GAL E . -3.51 -3.30 -40.31
C5 GAL E . -4.26 -2.93 -41.58
C6 GAL E . -5.42 -1.99 -41.32
O2 GAL E . -0.47 -4.51 -42.16
O3 GAL E . -1.57 -4.50 -39.51
O4 GAL E . -3.03 -2.12 -39.68
O5 GAL E . -3.37 -2.28 -42.51
O6 GAL E . -6.25 -1.86 -42.47
C1 GLC F . 44.66 9.89 13.34
C2 GLC F . 43.60 8.83 13.66
C3 GLC F . 42.27 9.16 12.96
C4 GLC F . 41.84 10.58 13.32
C5 GLC F . 42.96 11.55 12.96
C6 GLC F . 42.63 13.00 13.30
O1 GLC F . 44.94 9.87 11.98
O2 GLC F . 44.07 7.55 13.24
O3 GLC F . 41.27 8.24 13.35
O4 GLC F . 40.64 10.92 12.60
O5 GLC F . 44.16 11.20 13.67
O6 GLC F . 42.05 13.11 14.59
C1 GAL F . 39.50 11.18 13.34
C2 GAL F . 38.36 11.58 12.39
C3 GAL F . 37.04 11.68 13.13
C4 GAL F . 36.76 10.41 13.91
C5 GAL F . 37.94 10.13 14.84
C6 GAL F . 37.77 8.85 15.62
O2 GAL F . 38.67 12.83 11.79
O3 GAL F . 36.00 11.91 12.18
O4 GAL F . 36.58 9.31 13.02
O5 GAL F . 39.15 9.99 14.07
O6 GAL F . 38.77 8.73 16.62
C1 GLC G . -31.34 19.83 7.96
C2 GLC G . -30.58 18.49 7.96
C3 GLC G . -29.21 18.63 8.64
C4 GLC G . -28.43 19.81 8.04
C5 GLC G . -29.29 21.08 8.10
C6 GLC G . -28.61 22.30 7.48
O1 GLC G . -31.65 20.20 9.27
O2 GLC G . -31.35 17.51 8.65
O3 GLC G . -28.47 17.44 8.48
O4 GLC G . -27.21 20.01 8.79
O5 GLC G . -30.53 20.87 7.39
O6 GLC G . -27.69 21.93 6.46
C1 GAL G . -26.01 19.89 8.11
C2 GAL G . -24.85 20.08 9.10
C3 GAL G . -23.51 19.81 8.41
C4 GAL G . -23.54 18.44 7.74
C5 GAL G . -24.72 18.37 6.77
C6 GAL G . -24.83 17.02 6.11
O2 GAL G . -24.86 21.41 9.60
O3 GAL G . -22.47 19.86 9.37
O4 GAL G . -23.69 17.43 8.73
O5 GAL G . -25.95 18.59 7.51
O6 GAL G . -25.83 17.03 5.09
C1 GLC H . -8.57 -28.65 23.56
C2 GLC H . -8.64 -27.16 23.16
C3 GLC H . -9.04 -27.01 21.69
C4 GLC H . -8.14 -27.86 20.79
C5 GLC H . -8.11 -29.31 21.30
C6 GLC H . -7.18 -30.20 20.51
O1 GLC H . -9.83 -29.21 23.44
O2 GLC H . -9.60 -26.49 23.99
O3 GLC H . -8.94 -25.66 21.31
O4 GLC H . -8.62 -27.82 19.44
O5 GLC H . -7.68 -29.35 22.68
O6 GLC H . -6.01 -29.50 20.11
C1 GAL H . -7.77 -27.26 18.50
C2 GAL H . -8.44 -27.31 17.13
C3 GAL H . -7.60 -26.55 16.10
C4 GAL H . -7.28 -25.13 16.59
C5 GAL H . -6.63 -25.22 17.98
C6 GAL H . -6.32 -23.86 18.56
O2 GAL H . -8.57 -28.66 16.72
O3 GAL H . -8.31 -26.48 14.86
O4 GAL H . -8.48 -24.37 16.66
O5 GAL H . -7.52 -25.89 18.89
O6 GAL H . -5.37 -23.97 19.61
CA CA I . -3.04 -8.27 -35.65
MN MN J . -3.04 -11.18 -32.82
CA CA K . 31.10 14.25 13.52
MN MN L . 27.48 16.67 13.36
CA CA M . -16.98 20.69 8.15
MN MN N . -13.09 22.04 8.35
CA CA O . -5.77 -25.64 9.84
MN MN P . -4.61 -25.89 5.79
#